data_4X2V
#
_entry.id   4X2V
#
_cell.length_a   99.640
_cell.length_b   111.860
_cell.length_c   81.290
_cell.angle_alpha   90.000
_cell.angle_beta   119.240
_cell.angle_gamma   90.000
#
_symmetry.space_group_name_H-M   'C 1 2 1'
#
loop_
_entity.id
_entity.type
_entity.pdbx_description
1 polymer 'NS6 Protease'
2 polymer 'NS6 Protease'
3 polymer 'NS6 Protease'
4 non-polymer IMIDAZOLE
5 water water
#
loop_
_entity_poly.entity_id
_entity_poly.type
_entity_poly.pdbx_seq_one_letter_code
_entity_poly.pdbx_strand_id
1 'polypeptide(L)'
;SAPVSIWSRVVQFGTGWGFWVSGHVFITAKHVAPPKGTEIFGRKPGDFTVTSSGDFLKYYFTSAVRPDIPAMVLENGCQE
GVVASVLVKRASGEMLALAVRMGSQAAIKIGSAVVHGQTGMLLTGSNAKAQDLGTIPGDAGCPYVYKKGNTWVVIGVHVA
ATRSGNTVIAATHGEPTLEALEFQG
;
A,B,C,D
2 'polypeptide(L)' LEFQG E
3 'polypeptide(L)' (UNK)(UNK)(UNK)(UNK)(UNK)(UNK)(UNK) F
#
# COMPACT_ATOMS: atom_id res chain seq x y z
N ALA A 2 -21.00 -16.58 -17.55
CA ALA A 2 -21.67 -17.70 -16.82
C ALA A 2 -21.72 -17.50 -15.27
N PRO A 3 -20.57 -17.20 -14.62
CA PRO A 3 -20.52 -17.25 -13.15
C PRO A 3 -21.07 -16.01 -12.42
N VAL A 4 -21.72 -16.27 -11.28
CA VAL A 4 -22.39 -15.21 -10.53
C VAL A 4 -21.38 -14.15 -10.13
N SER A 5 -21.69 -12.86 -10.32
CA SER A 5 -20.79 -11.82 -9.87
C SER A 5 -20.78 -11.81 -8.37
N ILE A 6 -19.65 -11.47 -7.82
CA ILE A 6 -19.53 -11.36 -6.36
C ILE A 6 -20.34 -10.20 -5.79
N TRP A 7 -20.39 -9.09 -6.52
CA TRP A 7 -21.16 -7.94 -6.16
C TRP A 7 -22.63 -8.22 -6.02
N SER A 8 -23.13 -9.18 -6.78
CA SER A 8 -24.55 -9.50 -6.71
C SER A 8 -24.91 -10.17 -5.39
N ARG A 9 -23.91 -10.65 -4.62
CA ARG A 9 -24.14 -11.19 -3.26
CA ARG A 9 -24.13 -11.19 -3.26
C ARG A 9 -24.33 -10.09 -2.21
N VAL A 10 -23.94 -8.87 -2.53
CA VAL A 10 -24.10 -7.75 -1.62
C VAL A 10 -25.44 -7.06 -1.84
N VAL A 11 -26.31 -7.06 -0.85
CA VAL A 11 -27.62 -6.43 -0.98
C VAL A 11 -27.97 -5.50 0.20
N GLN A 12 -28.88 -4.56 -0.04
CA GLN A 12 -29.26 -3.56 0.94
C GLN A 12 -30.03 -4.27 2.00
N PHE A 13 -29.87 -3.86 3.26
CA PHE A 13 -30.47 -4.56 4.39
C PHE A 13 -30.50 -3.67 5.64
N GLY A 14 -31.68 -3.48 6.21
CA GLY A 14 -31.86 -2.56 7.32
C GLY A 14 -31.29 -1.22 6.92
N THR A 15 -30.45 -0.63 7.78
CA THR A 15 -29.84 0.69 7.50
C THR A 15 -28.43 0.56 6.91
N GLY A 16 -28.08 -0.61 6.43
CA GLY A 16 -26.80 -0.86 5.82
C GLY A 16 -26.91 -1.90 4.70
N TRP A 17 -26.02 -2.90 4.72
CA TRP A 17 -25.91 -3.91 3.69
C TRP A 17 -25.66 -5.30 4.28
N GLY A 18 -25.68 -6.33 3.44
CA GLY A 18 -25.35 -7.70 3.86
C GLY A 18 -24.90 -8.57 2.70
N PHE A 19 -24.54 -9.82 2.96
CA PHE A 19 -23.82 -10.67 1.97
C PHE A 19 -24.37 -12.09 1.95
N TRP A 20 -24.85 -12.55 0.77
CA TRP A 20 -25.19 -13.94 0.60
C TRP A 20 -23.95 -14.84 0.49
N VAL A 21 -23.61 -15.51 1.59
CA VAL A 21 -22.51 -16.47 1.59
C VAL A 21 -22.88 -17.66 0.70
N SER A 22 -24.15 -18.04 0.75
CA SER A 22 -24.67 -19.15 0.01
C SER A 22 -26.15 -18.87 -0.31
N GLY A 23 -26.85 -19.84 -0.89
CA GLY A 23 -28.26 -19.72 -1.07
C GLY A 23 -29.07 -19.69 0.22
N HIS A 24 -28.52 -20.29 1.28
CA HIS A 24 -29.17 -20.37 2.58
C HIS A 24 -28.66 -19.35 3.60
N VAL A 25 -27.43 -18.89 3.44
CA VAL A 25 -26.75 -18.13 4.49
C VAL A 25 -26.54 -16.68 4.09
N PHE A 26 -27.08 -15.78 4.89
CA PHE A 26 -26.91 -14.34 4.72
C PHE A 26 -26.22 -13.74 5.97
N ILE A 27 -25.21 -12.89 5.80
CA ILE A 27 -24.58 -12.25 6.96
C ILE A 27 -24.59 -10.74 6.86
N THR A 28 -24.57 -10.09 8.01
CA THR A 28 -24.61 -8.63 8.08
C THR A 28 -24.05 -8.17 9.44
N ALA A 29 -24.01 -6.86 9.63
CA ALA A 29 -23.63 -6.28 10.92
C ALA A 29 -24.88 -6.12 11.73
N LYS A 30 -24.87 -6.69 12.91
CA LYS A 30 -26.03 -6.70 13.76
C LYS A 30 -26.63 -5.31 13.92
N HIS A 31 -25.79 -4.29 14.07
CA HIS A 31 -26.30 -2.94 14.38
C HIS A 31 -27.05 -2.23 13.24
N VAL A 32 -27.01 -2.78 12.04
CA VAL A 32 -27.86 -2.25 10.93
C VAL A 32 -29.18 -3.05 10.68
N ALA A 33 -29.31 -4.23 11.27
CA ALA A 33 -30.42 -5.11 11.00
C ALA A 33 -31.73 -4.56 11.51
N PRO A 34 -32.83 -5.01 10.92
CA PRO A 34 -34.12 -4.63 11.43
C PRO A 34 -34.49 -5.47 12.66
N PRO A 35 -35.46 -4.99 13.45
CA PRO A 35 -35.88 -5.61 14.69
C PRO A 35 -36.14 -7.10 14.58
N LYS A 36 -35.91 -7.80 15.66
CA LYS A 36 -36.35 -9.16 15.83
C LYS A 36 -37.82 -9.29 15.40
N GLY A 37 -38.13 -10.30 14.59
CA GLY A 37 -39.50 -10.54 14.12
C GLY A 37 -39.95 -9.67 12.95
N THR A 38 -39.00 -9.22 12.14
CA THR A 38 -39.31 -8.51 10.90
C THR A 38 -39.30 -9.51 9.75
N GLU A 39 -40.27 -9.38 8.84
CA GLU A 39 -40.31 -10.18 7.61
C GLU A 39 -39.13 -9.73 6.74
N ILE A 40 -38.28 -10.66 6.31
CA ILE A 40 -37.13 -10.29 5.46
C ILE A 40 -37.00 -11.21 4.24
N PHE A 41 -36.69 -10.62 3.09
CA PHE A 41 -36.75 -11.33 1.81
C PHE A 41 -38.06 -12.09 1.61
N GLY A 42 -39.17 -11.49 2.05
CA GLY A 42 -40.45 -12.14 2.05
C GLY A 42 -40.53 -13.39 2.91
N ARG A 43 -39.64 -13.52 3.89
CA ARG A 43 -39.68 -14.66 4.82
C ARG A 43 -40.16 -14.26 6.21
N LYS A 44 -40.91 -15.16 6.83
CA LYS A 44 -41.41 -14.94 8.16
C LYS A 44 -40.40 -15.49 9.13
N PRO A 45 -40.44 -14.99 10.37
CA PRO A 45 -39.74 -15.71 11.42
C PRO A 45 -40.30 -17.13 11.46
N GLY A 46 -39.40 -18.11 11.50
CA GLY A 46 -39.82 -19.52 11.43
C GLY A 46 -39.35 -20.15 10.15
N ASP A 47 -39.03 -19.30 9.16
CA ASP A 47 -38.34 -19.72 7.95
C ASP A 47 -36.82 -19.62 8.12
N PHE A 48 -36.37 -18.95 9.18
CA PHE A 48 -34.94 -18.80 9.42
C PHE A 48 -34.51 -18.81 10.88
N THR A 49 -33.25 -19.18 11.08
CA THR A 49 -32.61 -19.09 12.38
C THR A 49 -31.48 -18.05 12.29
N VAL A 50 -31.26 -17.38 13.41
CA VAL A 50 -30.39 -16.22 13.50
C VAL A 50 -29.38 -16.47 14.61
N THR A 51 -28.09 -16.31 14.31
CA THR A 51 -27.01 -16.43 15.31
C THR A 51 -26.09 -15.22 15.23
N SER A 52 -25.61 -14.76 16.38
CA SER A 52 -24.72 -13.57 16.40
C SER A 52 -23.60 -13.65 17.40
N SER A 53 -22.41 -13.20 16.98
CA SER A 53 -21.24 -13.04 17.84
C SER A 53 -20.80 -11.61 17.71
N GLY A 54 -20.91 -10.88 18.81
CA GLY A 54 -20.63 -9.46 18.81
C GLY A 54 -21.54 -8.73 17.85
N ASP A 55 -20.95 -8.01 16.92
CA ASP A 55 -21.70 -7.30 15.89
C ASP A 55 -21.70 -8.06 14.58
N PHE A 56 -21.38 -9.35 14.62
CA PHE A 56 -21.55 -10.23 13.47
C PHE A 56 -22.90 -10.93 13.59
N LEU A 57 -23.66 -10.96 12.49
CA LEU A 57 -25.03 -11.52 12.52
C LEU A 57 -25.28 -12.40 11.32
N LYS A 58 -25.76 -13.61 11.58
CA LYS A 58 -25.97 -14.60 10.53
C LYS A 58 -27.45 -15.06 10.52
N TYR A 59 -28.06 -15.07 9.34
CA TYR A 59 -29.36 -15.70 9.11
C TYR A 59 -29.19 -16.98 8.29
N TYR A 60 -29.76 -18.07 8.77
CA TYR A 60 -29.82 -19.32 8.03
C TYR A 60 -31.26 -19.66 7.66
N PHE A 61 -31.56 -19.55 6.37
CA PHE A 61 -32.91 -19.84 5.82
C PHE A 61 -32.99 -21.30 5.51
N THR A 62 -33.95 -21.98 6.12
CA THR A 62 -34.06 -23.44 6.00
C THR A 62 -34.35 -23.91 4.57
N SER A 63 -35.06 -23.06 3.81
CA SER A 63 -35.25 -23.27 2.38
C SER A 63 -34.45 -22.18 1.71
N ALA A 64 -33.62 -22.58 0.76
CA ALA A 64 -32.75 -21.65 0.05
C ALA A 64 -33.51 -20.44 -0.47
N VAL A 65 -33.03 -19.25 -0.19
CA VAL A 65 -33.57 -18.02 -0.82
C VAL A 65 -32.99 -17.78 -2.23
N ARG A 66 -31.71 -18.07 -2.44
CA ARG A 66 -31.02 -17.82 -3.70
C ARG A 66 -30.26 -19.08 -4.19
N PRO A 67 -30.97 -20.08 -4.76
CA PRO A 67 -30.36 -21.23 -5.40
C PRO A 67 -29.27 -20.95 -6.45
N ASP A 68 -29.31 -19.80 -7.12
CA ASP A 68 -28.28 -19.43 -8.11
C ASP A 68 -26.83 -19.29 -7.52
N ILE A 69 -26.71 -19.01 -6.23
CA ILE A 69 -25.40 -18.63 -5.67
C ILE A 69 -24.74 -19.73 -4.86
N PRO A 70 -23.56 -20.18 -5.31
CA PRO A 70 -22.90 -21.31 -4.69
C PRO A 70 -22.26 -20.84 -3.41
N ALA A 71 -22.06 -21.77 -2.47
CA ALA A 71 -21.59 -21.46 -1.16
C ALA A 71 -20.14 -20.96 -1.21
N MET A 72 -19.88 -19.92 -0.47
CA MET A 72 -18.55 -19.37 -0.40
C MET A 72 -17.97 -19.73 0.95
N VAL A 73 -16.68 -19.98 0.99
CA VAL A 73 -16.02 -20.32 2.24
C VAL A 73 -16.08 -19.11 3.15
N LEU A 74 -16.64 -19.28 4.33
CA LEU A 74 -16.61 -18.20 5.34
C LEU A 74 -15.51 -18.52 6.31
N GLU A 75 -14.75 -17.51 6.68
CA GLU A 75 -13.72 -17.69 7.70
C GLU A 75 -13.82 -16.65 8.81
N ASN A 76 -13.25 -17.02 9.94
CA ASN A 76 -13.05 -16.10 11.07
C ASN A 76 -11.76 -15.28 10.85
N GLY A 77 -11.88 -14.14 10.20
CA GLY A 77 -10.73 -13.32 9.81
C GLY A 77 -9.72 -14.02 8.91
N CYS A 78 -8.54 -13.42 8.80
CA CYS A 78 -7.41 -14.00 8.06
C CYS A 78 -6.14 -13.78 8.79
N GLN A 79 -5.07 -14.41 8.29
CA GLN A 79 -3.76 -14.08 8.75
C GLN A 79 -3.52 -12.59 8.62
N GLU A 80 -2.81 -12.05 9.59
CA GLU A 80 -2.48 -10.65 9.57
C GLU A 80 -1.53 -10.38 8.40
N GLY A 81 -1.66 -9.21 7.77
CA GLY A 81 -0.82 -8.82 6.63
C GLY A 81 -1.49 -9.09 5.29
N VAL A 82 -2.58 -9.87 5.28
CA VAL A 82 -3.29 -10.26 4.06
C VAL A 82 -4.00 -9.05 3.50
N VAL A 83 -3.90 -8.86 2.19
CA VAL A 83 -4.61 -7.76 1.55
C VAL A 83 -5.95 -8.27 1.08
N ALA A 84 -7.01 -7.77 1.70
CA ALA A 84 -8.37 -8.14 1.39
C ALA A 84 -9.06 -6.95 0.68
N SER A 85 -10.33 -7.13 0.34
CA SER A 85 -11.14 -6.06 -0.30
C SER A 85 -12.43 -5.89 0.46
N VAL A 86 -12.85 -4.64 0.68
CA VAL A 86 -14.19 -4.34 1.18
C VAL A 86 -15.02 -3.97 -0.01
N LEU A 87 -16.14 -4.67 -0.19
CA LEU A 87 -17.00 -4.48 -1.36
C LEU A 87 -18.08 -3.58 -0.94
N VAL A 88 -17.89 -2.29 -1.16
CA VAL A 88 -18.80 -1.32 -0.62
C VAL A 88 -19.81 -0.96 -1.71
N LYS A 89 -21.09 -1.02 -1.39
CA LYS A 89 -22.13 -0.48 -2.27
C LYS A 89 -22.65 0.80 -1.62
N ARG A 90 -22.92 1.80 -2.46
CA ARG A 90 -23.59 3.01 -2.04
C ARG A 90 -25.04 3.03 -2.55
N ALA A 91 -25.87 3.80 -1.87
CA ALA A 91 -27.24 3.97 -2.23
C ALA A 91 -27.37 4.73 -3.57
N SER A 92 -26.35 5.46 -4.00
CA SER A 92 -26.31 6.08 -5.32
C SER A 92 -26.20 5.01 -6.45
N GLY A 93 -25.81 3.80 -6.09
CA GLY A 93 -25.54 2.74 -7.07
C GLY A 93 -24.04 2.40 -7.20
N GLU A 94 -23.17 3.34 -6.85
CA GLU A 94 -21.72 3.14 -6.90
C GLU A 94 -21.32 1.85 -6.22
N MET A 95 -20.38 1.15 -6.86
CA MET A 95 -19.74 0.00 -6.24
C MET A 95 -18.23 0.32 -6.10
N LEU A 96 -17.72 0.28 -4.87
CA LEU A 96 -16.27 0.59 -4.55
C LEU A 96 -15.61 -0.58 -3.86
N ALA A 97 -14.69 -1.21 -4.53
CA ALA A 97 -13.86 -2.23 -3.92
C ALA A 97 -12.65 -1.49 -3.30
N LEU A 98 -12.53 -1.56 -1.98
CA LEU A 98 -11.42 -0.85 -1.22
C LEU A 98 -10.43 -1.89 -0.78
N ALA A 99 -9.23 -1.87 -1.33
CA ALA A 99 -8.11 -2.66 -0.78
C ALA A 99 -7.78 -2.27 0.69
N VAL A 100 -7.63 -3.29 1.55
CA VAL A 100 -7.35 -3.08 2.95
C VAL A 100 -6.32 -4.12 3.41
N ARG A 101 -5.21 -3.66 4.02
CA ARG A 101 -4.22 -4.57 4.62
C ARG A 101 -4.73 -4.96 5.99
N MET A 102 -5.02 -6.24 6.22
CA MET A 102 -5.56 -6.69 7.49
C MET A 102 -4.55 -6.76 8.68
N GLY A 103 -4.98 -6.16 9.79
CA GLY A 103 -4.17 -6.08 11.00
C GLY A 103 -4.51 -7.22 11.92
N SER A 104 -4.51 -6.95 13.22
CA SER A 104 -4.69 -7.99 14.21
C SER A 104 -6.12 -8.09 14.73
N GLN A 105 -6.50 -9.32 15.10
CA GLN A 105 -7.80 -9.59 15.71
C GLN A 105 -7.84 -8.98 17.11
N ALA A 106 -8.72 -7.98 17.25
CA ALA A 106 -8.73 -6.99 18.31
C ALA A 106 -10.17 -6.54 18.54
N ALA A 107 -10.55 -6.47 19.80
CA ALA A 107 -11.92 -6.42 20.15
C ALA A 107 -12.22 -5.20 21.05
N ILE A 108 -12.72 -4.12 20.48
CA ILE A 108 -13.28 -3.07 21.35
C ILE A 108 -14.30 -2.12 20.70
N LYS A 109 -15.48 -2.04 21.30
CA LYS A 109 -16.30 -0.80 21.25
C LYS A 109 -15.92 0.10 22.45
N ILE A 110 -16.28 -0.37 23.65
CA ILE A 110 -16.12 0.34 24.93
C ILE A 110 -15.84 -0.75 25.99
N GLY A 111 -15.65 -0.32 27.23
CA GLY A 111 -15.61 -1.27 28.38
C GLY A 111 -16.98 -1.83 28.74
N SER A 112 -16.98 -3.04 29.31
CA SER A 112 -18.19 -3.86 29.60
C SER A 112 -19.12 -4.26 28.39
N ALA A 113 -18.86 -3.71 27.20
CA ALA A 113 -19.49 -4.13 25.96
C ALA A 113 -18.32 -4.27 24.96
N VAL A 114 -17.63 -5.39 25.13
CA VAL A 114 -16.45 -5.71 24.34
C VAL A 114 -16.93 -6.60 23.21
N VAL A 115 -16.92 -6.07 21.99
CA VAL A 115 -17.22 -6.87 20.81
C VAL A 115 -15.96 -7.15 20.03
N HIS A 116 -16.00 -8.25 19.30
CA HIS A 116 -14.83 -8.82 18.69
C HIS A 116 -14.79 -8.66 17.17
N GLY A 117 -13.59 -8.37 16.64
CA GLY A 117 -13.37 -8.36 15.19
C GLY A 117 -11.90 -8.25 14.77
N GLN A 118 -11.66 -7.52 13.68
CA GLN A 118 -10.33 -7.39 13.12
C GLN A 118 -10.16 -6.05 12.44
N THR A 119 -9.03 -5.40 12.67
CA THR A 119 -8.76 -4.11 12.07
C THR A 119 -8.04 -4.30 10.75
N GLY A 120 -8.05 -3.26 9.92
CA GLY A 120 -7.18 -3.18 8.74
C GLY A 120 -6.92 -1.74 8.38
N MET A 121 -5.92 -1.50 7.58
CA MET A 121 -5.68 -0.15 7.11
C MET A 121 -5.99 -0.10 5.63
N LEU A 122 -6.73 0.92 5.22
CA LEU A 122 -7.07 1.08 3.81
C LEU A 122 -5.83 1.43 3.03
N LEU A 123 -5.72 0.86 1.83
CA LEU A 123 -4.59 1.08 0.95
C LEU A 123 -4.85 2.19 -0.05
N THR A 124 -5.94 2.89 0.23
CA THR A 124 -6.41 4.01 -0.48
C THR A 124 -5.70 5.31 -0.10
N GLY A 125 -4.96 5.28 1.02
CA GLY A 125 -3.90 6.20 1.29
C GLY A 125 -4.25 6.97 2.56
N SER A 126 -3.42 7.96 2.90
CA SER A 126 -3.60 8.68 4.13
C SER A 126 -4.84 9.56 4.13
N ASN A 127 -5.16 10.17 2.98
CA ASN A 127 -6.31 11.09 2.86
C ASN A 127 -7.48 10.44 2.09
N ALA A 128 -7.89 9.30 2.59
CA ALA A 128 -8.94 8.54 1.95
C ALA A 128 -10.23 9.32 2.04
N LYS A 129 -10.56 9.86 3.20
CA LYS A 129 -11.80 10.62 3.28
C LYS A 129 -11.83 11.97 2.63
N ALA A 130 -10.70 12.63 2.45
CA ALA A 130 -10.65 13.80 1.59
C ALA A 130 -11.08 13.41 0.17
N GLN A 131 -10.64 12.23 -0.29
CA GLN A 131 -10.95 11.77 -1.67
C GLN A 131 -12.29 11.12 -1.96
N ASP A 132 -13.14 10.97 -0.94
CA ASP A 132 -14.38 10.24 -1.09
C ASP A 132 -14.05 8.81 -1.46
N LEU A 133 -12.93 8.33 -0.91
CA LEU A 133 -12.44 6.95 -1.11
C LEU A 133 -12.25 6.12 0.14
N GLY A 134 -12.82 6.53 1.25
CA GLY A 134 -12.91 5.65 2.41
C GLY A 134 -14.35 5.21 2.57
N THR A 135 -14.65 4.65 3.73
CA THR A 135 -15.94 4.20 4.04
C THR A 135 -16.70 5.33 4.68
N ILE A 136 -18.00 5.10 4.85
CA ILE A 136 -18.87 5.92 5.61
C ILE A 136 -19.65 4.99 6.56
N PRO A 137 -20.14 5.49 7.68
CA PRO A 137 -21.05 4.58 8.37
C PRO A 137 -22.31 4.42 7.50
N GLY A 138 -22.79 3.21 7.34
CA GLY A 138 -23.88 3.04 6.36
C GLY A 138 -23.38 2.20 5.23
N ASP A 139 -22.07 2.05 5.13
CA ASP A 139 -21.44 0.95 4.47
C ASP A 139 -21.41 -0.26 5.40
N ALA A 140 -21.85 -0.13 6.62
CA ALA A 140 -21.84 -1.25 7.55
C ALA A 140 -22.58 -2.44 6.98
N GLY A 141 -21.97 -3.62 7.08
CA GLY A 141 -22.56 -4.86 6.63
C GLY A 141 -21.92 -5.37 5.34
N CYS A 142 -21.28 -4.48 4.58
CA CYS A 142 -20.57 -4.87 3.39
C CYS A 142 -19.47 -5.84 3.75
N PRO A 143 -19.17 -6.81 2.86
CA PRO A 143 -18.23 -7.89 3.18
C PRO A 143 -16.77 -7.55 2.99
N TYR A 144 -15.92 -8.27 3.73
CA TYR A 144 -14.50 -8.27 3.46
C TYR A 144 -14.17 -9.60 2.86
N VAL A 145 -13.49 -9.60 1.71
CA VAL A 145 -13.19 -10.85 1.05
C VAL A 145 -11.75 -10.87 0.56
N TYR A 146 -11.19 -12.03 0.30
CA TYR A 146 -9.94 -12.12 -0.44
C TYR A 146 -9.88 -13.40 -1.19
N LYS A 147 -8.91 -13.50 -2.09
CA LYS A 147 -8.69 -14.72 -2.84
C LYS A 147 -7.52 -15.51 -2.26
N LYS A 148 -7.83 -16.65 -1.64
CA LYS A 148 -6.82 -17.60 -1.24
C LYS A 148 -6.57 -18.48 -2.47
N GLY A 149 -5.36 -18.43 -3.02
CA GLY A 149 -5.08 -19.07 -4.29
C GLY A 149 -6.12 -18.62 -5.31
N ASN A 150 -6.85 -19.59 -5.88
CA ASN A 150 -7.92 -19.31 -6.84
C ASN A 150 -9.30 -19.22 -6.18
N THR A 151 -9.40 -19.72 -4.96
CA THR A 151 -10.65 -19.75 -4.20
C THR A 151 -10.95 -18.41 -3.55
N TRP A 152 -12.22 -17.96 -3.58
CA TRP A 152 -12.64 -16.75 -2.89
C TRP A 152 -13.06 -17.16 -1.50
N VAL A 153 -12.91 -16.22 -0.56
CA VAL A 153 -13.38 -16.46 0.81
C VAL A 153 -13.81 -15.17 1.49
N VAL A 154 -14.86 -15.23 2.27
CA VAL A 154 -15.34 -14.01 2.97
C VAL A 154 -14.89 -14.16 4.40
N ILE A 155 -14.44 -13.06 4.99
CA ILE A 155 -13.83 -13.15 6.33
C ILE A 155 -14.54 -12.34 7.42
N GLY A 156 -15.45 -11.45 7.04
CA GLY A 156 -16.17 -10.63 7.99
C GLY A 156 -17.06 -9.62 7.29
N VAL A 157 -17.62 -8.70 8.06
CA VAL A 157 -18.43 -7.60 7.57
C VAL A 157 -18.07 -6.27 8.22
N HIS A 158 -18.19 -5.19 7.45
CA HIS A 158 -17.83 -3.86 7.95
C HIS A 158 -18.67 -3.38 9.09
N VAL A 159 -18.02 -2.83 10.12
CA VAL A 159 -18.69 -2.21 11.26
C VAL A 159 -18.44 -0.73 11.38
N ALA A 160 -17.18 -0.35 11.25
CA ALA A 160 -16.80 1.04 11.49
C ALA A 160 -15.42 1.39 10.98
N ALA A 161 -15.15 2.70 10.99
CA ALA A 161 -13.86 3.27 10.64
C ALA A 161 -13.47 4.36 11.67
N THR A 162 -12.19 4.72 11.75
CA THR A 162 -11.73 5.79 12.66
C THR A 162 -12.03 7.15 12.07
N ARG A 163 -11.87 8.19 12.88
CA ARG A 163 -12.27 9.55 12.51
C ARG A 163 -11.57 9.99 11.23
N SER A 164 -10.26 9.85 11.20
CA SER A 164 -9.55 10.06 9.98
C SER A 164 -9.63 8.69 9.54
N GLY A 165 -10.29 8.40 8.42
CA GLY A 165 -10.74 7.02 8.00
C GLY A 165 -9.77 5.89 7.56
N ASN A 166 -8.56 5.85 8.11
CA ASN A 166 -7.54 4.95 7.54
C ASN A 166 -7.67 3.55 8.08
N THR A 167 -8.05 3.50 9.34
CA THR A 167 -8.30 2.24 10.03
C THR A 167 -9.79 1.86 9.94
N VAL A 168 -10.05 0.64 9.50
CA VAL A 168 -11.40 0.09 9.45
C VAL A 168 -11.48 -1.17 10.32
N ILE A 169 -12.71 -1.60 10.59
CA ILE A 169 -12.99 -2.67 11.53
C ILE A 169 -14.06 -3.60 10.93
N ALA A 170 -13.75 -4.90 10.85
CA ALA A 170 -14.63 -5.92 10.43
C ALA A 170 -15.04 -6.83 11.58
N ALA A 171 -16.33 -7.12 11.71
CA ALA A 171 -16.82 -8.11 12.68
C ALA A 171 -16.59 -9.46 12.08
N THR A 172 -16.20 -10.44 12.90
CA THR A 172 -15.90 -11.77 12.41
C THR A 172 -16.66 -12.82 13.20
N HIS A 173 -16.82 -13.97 12.54
CA HIS A 173 -16.87 -15.28 13.17
C HIS A 173 -17.15 -16.34 12.11
N GLY A 174 -17.29 -17.61 12.50
CA GLY A 174 -17.61 -18.67 11.56
C GLY A 174 -19.10 -19.03 11.60
N GLU A 175 -19.62 -19.14 12.82
CA GLU A 175 -20.92 -19.77 13.06
C GLU A 175 -21.26 -20.91 12.08
N SER B 1 -27.37 25.80 -16.20
CA SER B 1 -26.43 24.63 -16.18
C SER B 1 -26.34 23.97 -14.80
N ALA B 2 -27.48 23.40 -14.37
CA ALA B 2 -27.69 22.75 -13.04
C ALA B 2 -26.58 21.86 -12.42
N PRO B 3 -26.65 21.58 -11.10
CA PRO B 3 -25.77 20.56 -10.52
C PRO B 3 -26.19 19.18 -11.02
N VAL B 4 -25.18 18.36 -11.27
CA VAL B 4 -25.27 17.17 -12.07
C VAL B 4 -24.36 16.11 -11.46
N SER B 5 -24.78 14.86 -11.52
CA SER B 5 -23.95 13.77 -11.03
C SER B 5 -22.78 13.61 -11.97
N ILE B 6 -21.65 13.26 -11.42
CA ILE B 6 -20.42 13.08 -12.21
C ILE B 6 -20.55 11.91 -13.19
N TRP B 7 -21.21 10.87 -12.73
CA TRP B 7 -21.46 9.68 -13.52
C TRP B 7 -22.28 9.96 -14.75
N SER B 8 -23.14 10.97 -14.70
CA SER B 8 -23.95 11.29 -15.86
C SER B 8 -23.10 11.85 -17.02
N ARG B 9 -21.85 12.23 -16.73
CA ARG B 9 -20.92 12.70 -17.78
C ARG B 9 -20.29 11.57 -18.55
N VAL B 10 -20.32 10.37 -17.98
CA VAL B 10 -19.83 9.18 -18.64
C VAL B 10 -20.91 8.56 -19.51
N VAL B 11 -20.69 8.53 -20.83
CA VAL B 11 -21.64 7.94 -21.75
C VAL B 11 -21.00 6.94 -22.71
N GLN B 12 -21.83 6.03 -23.24
CA GLN B 12 -21.40 4.97 -24.15
C GLN B 12 -21.06 5.61 -25.48
N PHE B 13 -20.00 5.10 -26.13
CA PHE B 13 -19.43 5.73 -27.33
C PHE B 13 -18.54 4.77 -28.10
N GLY B 14 -18.87 4.57 -29.36
CA GLY B 14 -18.19 3.57 -30.17
C GLY B 14 -18.23 2.26 -29.41
N THR B 15 -17.09 1.58 -29.31
CA THR B 15 -17.02 0.27 -28.63
C THR B 15 -16.59 0.42 -27.16
N GLY B 16 -16.65 1.64 -26.62
CA GLY B 16 -16.30 1.90 -25.22
C GLY B 16 -17.16 3.01 -24.68
N TRP B 17 -16.50 3.98 -24.05
CA TRP B 17 -17.18 5.07 -23.33
C TRP B 17 -16.46 6.41 -23.58
N GLY B 18 -17.06 7.49 -23.07
CA GLY B 18 -16.44 8.82 -23.10
C GLY B 18 -16.97 9.75 -22.04
N PHE B 19 -16.45 10.98 -21.97
CA PHE B 19 -16.68 11.86 -20.82
C PHE B 19 -16.95 13.30 -21.24
N TRP B 20 -18.11 13.83 -20.87
CA TRP B 20 -18.40 15.24 -21.11
C TRP B 20 -17.68 16.13 -20.10
N VAL B 21 -16.58 16.73 -20.55
CA VAL B 21 -15.84 17.66 -19.71
C VAL B 21 -16.68 18.91 -19.48
N SER B 22 -17.40 19.32 -20.52
CA SER B 22 -18.26 20.49 -20.48
C SER B 22 -19.40 20.27 -21.47
N GLY B 23 -20.24 21.29 -21.68
CA GLY B 23 -21.30 21.18 -22.68
C GLY B 23 -20.78 21.11 -24.11
N HIS B 24 -19.57 21.62 -24.35
CA HIS B 24 -18.94 21.64 -25.67
C HIS B 24 -17.88 20.55 -25.86
N VAL B 25 -17.29 20.06 -24.77
CA VAL B 25 -16.10 19.22 -24.86
C VAL B 25 -16.34 17.77 -24.40
N PHE B 26 -16.08 16.83 -25.31
CA PHE B 26 -16.24 15.40 -25.04
C PHE B 26 -14.89 14.71 -25.29
N ILE B 27 -14.47 13.84 -24.39
CA ILE B 27 -13.23 13.13 -24.57
C ILE B 27 -13.43 11.61 -24.52
N THR B 28 -12.54 10.89 -25.19
CA THR B 28 -12.61 9.44 -25.21
C THR B 28 -11.24 8.87 -25.62
N ALA B 29 -11.18 7.55 -25.69
CA ALA B 29 -10.01 6.87 -26.18
C ALA B 29 -10.16 6.69 -27.66
N LYS B 30 -9.19 7.18 -28.41
CA LYS B 30 -9.25 7.15 -29.85
C LYS B 30 -9.61 5.75 -30.38
N HIS B 31 -9.04 4.68 -29.80
CA HIS B 31 -9.25 3.36 -30.39
C HIS B 31 -10.66 2.75 -30.26
N VAL B 32 -11.54 3.38 -29.48
CA VAL B 32 -12.94 2.92 -29.38
C VAL B 32 -13.89 3.73 -30.27
N ALA B 33 -13.42 4.88 -30.76
CA ALA B 33 -14.25 5.82 -31.48
C ALA B 33 -14.69 5.24 -32.80
N PRO B 34 -15.84 5.72 -33.28
CA PRO B 34 -16.28 5.31 -34.59
C PRO B 34 -15.47 6.01 -35.69
N PRO B 35 -15.48 5.43 -36.91
CA PRO B 35 -14.75 5.92 -38.06
C PRO B 35 -14.88 7.43 -38.31
N LYS B 36 -13.83 8.00 -38.89
CA LYS B 36 -13.85 9.35 -39.45
C LYS B 36 -15.11 9.57 -40.22
N GLY B 37 -15.80 10.68 -39.96
CA GLY B 37 -17.00 11.04 -40.70
C GLY B 37 -18.27 10.31 -40.28
N THR B 38 -18.35 9.90 -39.01
CA THR B 38 -19.56 9.31 -38.46
C THR B 38 -20.36 10.40 -37.77
N GLU B 39 -21.67 10.38 -37.96
CA GLU B 39 -22.57 11.29 -37.24
C GLU B 39 -22.53 10.89 -35.78
N ILE B 40 -22.27 11.84 -34.89
CA ILE B 40 -22.27 11.53 -33.45
C ILE B 40 -23.09 12.53 -32.65
N PHE B 41 -23.84 12.01 -31.68
CA PHE B 41 -24.80 12.81 -30.93
C PHE B 41 -25.71 13.61 -31.85
N GLY B 42 -26.10 13.00 -32.96
CA GLY B 42 -26.86 13.69 -33.99
C GLY B 42 -26.14 14.86 -34.65
N ARG B 43 -24.81 14.90 -34.58
CA ARG B 43 -24.02 15.98 -35.20
C ARG B 43 -23.26 15.46 -36.41
N LYS B 44 -23.18 16.31 -37.43
CA LYS B 44 -22.46 16.00 -38.65
C LYS B 44 -21.02 16.46 -38.48
N PRO B 45 -20.09 15.85 -39.23
CA PRO B 45 -18.77 16.47 -39.38
C PRO B 45 -18.93 17.89 -39.91
N GLY B 46 -18.30 18.86 -39.27
CA GLY B 46 -18.52 20.28 -39.58
C GLY B 46 -19.20 21.01 -38.43
N ASP B 47 -19.87 20.24 -37.56
CA ASP B 47 -20.40 20.78 -36.29
C ASP B 47 -19.36 20.66 -35.19
N PHE B 48 -18.28 19.92 -35.45
CA PHE B 48 -17.24 19.72 -34.45
C PHE B 48 -15.82 19.62 -35.00
N THR B 49 -14.87 19.95 -34.14
CA THR B 49 -13.45 19.77 -34.42
C THR B 49 -12.90 18.71 -33.46
N VAL B 50 -11.93 17.96 -33.96
CA VAL B 50 -11.40 16.78 -33.31
C VAL B 50 -9.88 16.91 -33.19
N THR B 51 -9.36 16.75 -31.98
CA THR B 51 -7.91 16.78 -31.76
C THR B 51 -7.49 15.55 -30.97
N SER B 52 -6.34 14.98 -31.33
CA SER B 52 -5.86 13.75 -30.67
C SER B 52 -4.36 13.69 -30.45
N SER B 53 -3.96 13.27 -29.25
CA SER B 53 -2.55 13.03 -28.90
C SER B 53 -2.48 11.58 -28.42
N GLY B 54 -1.77 10.75 -29.19
CA GLY B 54 -1.72 9.32 -28.95
C GLY B 54 -3.10 8.71 -29.05
N ASP B 55 -3.53 8.07 -27.97
CA ASP B 55 -4.85 7.48 -27.86
C ASP B 55 -5.83 8.35 -27.05
N PHE B 56 -5.47 9.61 -26.84
CA PHE B 56 -6.40 10.57 -26.27
C PHE B 56 -7.09 11.27 -27.42
N LEU B 57 -8.41 11.38 -27.32
CA LEU B 57 -9.20 11.99 -28.40
C LEU B 57 -10.21 12.99 -27.82
N LYS B 58 -10.24 14.20 -28.40
CA LYS B 58 -11.13 15.27 -27.95
C LYS B 58 -12.01 15.79 -29.09
N TYR B 59 -13.31 15.89 -28.83
CA TYR B 59 -14.25 16.55 -29.73
C TYR B 59 -14.71 17.86 -29.12
N TYR B 60 -14.63 18.93 -29.92
CA TYR B 60 -15.18 20.23 -29.54
C TYR B 60 -16.32 20.62 -30.46
N PHE B 61 -17.52 20.62 -29.90
CA PHE B 61 -18.73 20.96 -30.64
C PHE B 61 -18.97 22.47 -30.55
N THR B 62 -19.07 23.11 -31.71
CA THR B 62 -19.16 24.57 -31.78
C THR B 62 -20.42 25.11 -31.13
N SER B 63 -21.49 24.33 -31.19
CA SER B 63 -22.71 24.61 -30.45
C SER B 63 -22.83 23.54 -29.35
N ALA B 64 -23.05 24.00 -28.12
CA ALA B 64 -23.09 23.10 -26.97
C ALA B 64 -24.03 21.92 -27.19
N VAL B 65 -23.55 20.71 -26.94
CA VAL B 65 -24.42 19.52 -26.97
C VAL B 65 -25.18 19.36 -25.64
N ARG B 66 -24.53 19.64 -24.51
CA ARG B 66 -25.11 19.44 -23.19
C ARG B 66 -25.01 20.68 -22.30
N PRO B 67 -25.88 21.68 -22.51
CA PRO B 67 -25.92 22.87 -21.66
C PRO B 67 -26.09 22.61 -20.16
N ASP B 68 -26.71 21.49 -19.79
CA ASP B 68 -26.93 21.15 -18.37
C ASP B 68 -25.64 20.92 -17.57
N ILE B 69 -24.55 20.56 -18.25
CA ILE B 69 -23.32 20.21 -17.54
C ILE B 69 -22.27 21.31 -17.55
N PRO B 70 -21.94 21.81 -16.34
CA PRO B 70 -20.90 22.83 -16.22
C PRO B 70 -19.49 22.25 -16.50
N ALA B 71 -18.58 23.12 -16.92
CA ALA B 71 -17.26 22.68 -17.32
C ALA B 71 -16.48 22.14 -16.13
N MET B 72 -15.74 21.08 -16.37
CA MET B 72 -14.86 20.52 -15.38
C MET B 72 -13.43 20.79 -15.77
N VAL B 73 -12.56 20.95 -14.77
CA VAL B 73 -11.14 21.22 -15.05
C VAL B 73 -10.53 19.96 -15.64
N LEU B 74 -9.94 20.08 -16.83
CA LEU B 74 -9.17 18.98 -17.43
C LEU B 74 -7.70 19.23 -17.20
N GLU B 75 -6.96 18.18 -16.84
CA GLU B 75 -5.52 18.25 -16.69
C GLU B 75 -4.77 17.14 -17.44
N ASN B 76 -3.50 17.43 -17.72
CA ASN B 76 -2.59 16.48 -18.30
C ASN B 76 -1.99 15.65 -17.17
N GLY B 77 -2.65 14.55 -16.83
CA GLY B 77 -2.25 13.71 -15.71
C GLY B 77 -2.22 14.45 -14.38
N CYS B 78 -1.58 13.82 -13.40
CA CYS B 78 -1.37 14.41 -12.08
C CYS B 78 0.03 14.10 -11.58
N GLN B 79 0.38 14.73 -10.48
CA GLN B 79 1.57 14.32 -9.78
C GLN B 79 1.54 12.84 -9.50
N GLU B 80 2.70 12.22 -9.57
CA GLU B 80 2.82 10.82 -9.25
C GLU B 80 2.54 10.63 -7.76
N GLY B 81 1.88 9.52 -7.41
CA GLY B 81 1.54 9.20 -6.01
C GLY B 81 0.12 9.62 -5.60
N VAL B 82 -0.53 10.40 -6.47
CA VAL B 82 -1.90 10.82 -6.28
C VAL B 82 -2.82 9.63 -6.42
N VAL B 83 -3.78 9.53 -5.50
CA VAL B 83 -4.79 8.52 -5.63
C VAL B 83 -5.99 9.11 -6.39
N ALA B 84 -6.23 8.57 -7.58
CA ALA B 84 -7.34 8.97 -8.42
C ALA B 84 -8.41 7.87 -8.45
N SER B 85 -9.51 8.12 -9.17
CA SER B 85 -10.59 7.11 -9.39
C SER B 85 -10.82 6.92 -10.87
N VAL B 86 -10.98 5.66 -11.30
CA VAL B 86 -11.54 5.40 -12.63
C VAL B 86 -13.03 5.23 -12.42
N LEU B 87 -13.84 5.99 -13.15
CA LEU B 87 -15.29 5.83 -13.16
C LEU B 87 -15.65 4.92 -14.28
N VAL B 88 -15.76 3.64 -13.95
CA VAL B 88 -16.11 2.64 -14.94
C VAL B 88 -17.65 2.46 -14.96
N LYS B 89 -18.27 2.56 -16.13
CA LYS B 89 -19.63 2.06 -16.36
C LYS B 89 -19.58 0.76 -17.12
N ARG B 90 -20.45 -0.16 -16.74
CA ARG B 90 -20.68 -1.38 -17.50
C ARG B 90 -21.97 -1.28 -18.26
N ALA B 91 -22.15 -2.07 -19.28
CA ALA B 91 -23.34 -1.90 -20.15
C ALA B 91 -24.70 -2.14 -19.49
N SER B 92 -24.71 -2.91 -18.41
CA SER B 92 -25.92 -3.11 -17.60
C SER B 92 -26.29 -1.84 -16.82
N GLY B 93 -25.35 -0.90 -16.74
CA GLY B 93 -25.52 0.32 -15.94
C GLY B 93 -24.67 0.34 -14.67
N GLU B 94 -24.23 -0.84 -14.20
CA GLU B 94 -23.33 -0.95 -13.05
C GLU B 94 -22.34 0.18 -13.12
N MET B 95 -22.09 0.83 -12.00
CA MET B 95 -21.12 1.92 -11.91
C MET B 95 -20.06 1.57 -10.87
N LEU B 96 -18.80 1.41 -11.31
CA LEU B 96 -17.68 1.00 -10.45
C LEU B 96 -16.61 2.04 -10.41
N ALA B 97 -16.38 2.61 -9.24
CA ALA B 97 -15.29 3.55 -9.03
C ALA B 97 -14.10 2.73 -8.55
N LEU B 98 -13.02 2.73 -9.32
CA LEU B 98 -11.81 1.99 -8.97
C LEU B 98 -10.71 2.95 -8.54
N ALA B 99 -10.34 2.89 -7.26
CA ALA B 99 -9.20 3.68 -6.73
C ALA B 99 -7.93 3.20 -7.41
N VAL B 100 -7.10 4.15 -7.85
CA VAL B 100 -5.86 3.81 -8.50
C VAL B 100 -4.77 4.78 -8.02
N ARG B 101 -3.62 4.25 -7.60
CA ARG B 101 -2.48 5.08 -7.25
CA ARG B 101 -2.47 5.08 -7.25
C ARG B 101 -1.72 5.38 -8.51
N MET B 102 -1.65 6.66 -8.89
CA MET B 102 -1.00 7.05 -10.15
C MET B 102 0.55 7.03 -10.14
N GLY B 103 1.08 6.36 -11.16
CA GLY B 103 2.50 6.17 -11.34
C GLY B 103 3.05 7.25 -12.23
N SER B 104 4.02 6.89 -13.08
CA SER B 104 4.76 7.88 -13.87
C SER B 104 4.19 8.03 -15.27
N GLN B 105 4.29 9.26 -15.78
CA GLN B 105 3.96 9.57 -17.16
C GLN B 105 5.00 8.93 -18.07
N ALA B 106 4.53 8.02 -18.86
CA ALA B 106 5.40 7.13 -19.56
C ALA B 106 4.87 7.02 -20.97
N ALA B 107 5.77 7.03 -21.96
CA ALA B 107 5.31 6.77 -23.33
C ALA B 107 5.23 5.25 -23.41
N ILE B 108 4.08 4.69 -23.79
CA ILE B 108 3.83 3.26 -23.72
C ILE B 108 3.57 2.67 -25.08
N LYS B 109 4.48 1.79 -25.48
CA LYS B 109 4.44 1.17 -26.77
C LYS B 109 3.75 -0.15 -26.53
N ILE B 110 3.05 -0.56 -27.56
CA ILE B 110 2.42 -1.87 -27.63
C ILE B 110 2.29 -2.14 -29.11
N GLY B 111 2.59 -3.35 -29.59
CA GLY B 111 2.48 -3.56 -31.05
C GLY B 111 3.35 -2.51 -31.73
N SER B 112 2.87 -1.92 -32.82
CA SER B 112 3.56 -0.77 -33.44
C SER B 112 3.06 0.58 -32.90
N ALA B 113 2.16 0.53 -31.92
CA ALA B 113 1.38 1.71 -31.51
C ALA B 113 1.88 2.32 -30.23
N VAL B 114 2.22 3.61 -30.30
CA VAL B 114 2.89 4.33 -29.25
C VAL B 114 1.93 5.30 -28.58
N VAL B 115 1.58 5.03 -27.32
CA VAL B 115 0.67 5.88 -26.57
C VAL B 115 1.45 6.67 -25.55
N HIS B 116 1.31 8.00 -25.51
CA HIS B 116 1.78 8.76 -24.33
C HIS B 116 0.60 8.78 -23.37
N GLY B 117 0.91 8.46 -22.11
CA GLY B 117 -0.04 8.50 -21.05
C GLY B 117 0.58 8.37 -19.67
N GLN B 118 -0.13 7.67 -18.78
CA GLN B 118 0.30 7.53 -17.38
C GLN B 118 -0.21 6.22 -16.82
N THR B 119 0.63 5.51 -16.09
CA THR B 119 0.26 4.24 -15.49
C THR B 119 -0.26 4.48 -14.08
N GLY B 120 -0.95 3.50 -13.54
CA GLY B 120 -1.31 3.48 -12.11
C GLY B 120 -1.52 2.05 -11.65
N MET B 121 -1.51 1.81 -10.34
CA MET B 121 -1.85 0.50 -9.84
C MET B 121 -3.20 0.59 -9.14
N LEU B 122 -4.08 -0.34 -9.41
CA LEU B 122 -5.38 -0.37 -8.75
C LEU B 122 -5.21 -0.70 -7.30
N LEU B 123 -6.04 -0.05 -6.47
CA LEU B 123 -6.05 -0.21 -5.01
C LEU B 123 -7.38 -0.85 -4.61
N THR B 124 -7.83 -1.66 -5.53
CA THR B 124 -9.03 -2.45 -5.40
C THR B 124 -8.91 -3.80 -4.62
N GLY B 125 -7.71 -4.36 -4.60
CA GLY B 125 -7.48 -5.68 -4.00
C GLY B 125 -6.07 -6.15 -4.31
N SER B 126 -5.75 -7.37 -3.92
CA SER B 126 -4.42 -7.88 -4.14
C SER B 126 -4.08 -8.12 -5.61
N ASN B 127 -5.04 -8.60 -6.39
CA ASN B 127 -4.82 -8.90 -7.81
C ASN B 127 -6.11 -8.58 -8.58
N ALA B 128 -6.16 -7.42 -9.26
CA ALA B 128 -7.40 -6.89 -9.71
C ALA B 128 -7.96 -7.71 -10.85
N LYS B 129 -7.16 -8.04 -11.86
CA LYS B 129 -7.58 -8.89 -12.99
C LYS B 129 -8.16 -10.26 -12.60
N ALA B 130 -7.41 -10.99 -11.77
CA ALA B 130 -7.77 -12.34 -11.39
C ALA B 130 -9.06 -12.33 -10.57
N GLN B 131 -9.21 -11.31 -9.73
CA GLN B 131 -10.47 -11.03 -9.06
C GLN B 131 -11.29 -10.21 -10.09
N ASP B 132 -12.59 -10.14 -9.95
CA ASP B 132 -13.40 -9.45 -10.98
C ASP B 132 -13.52 -7.95 -10.59
N LEU B 133 -12.44 -7.47 -9.99
CA LEU B 133 -12.42 -6.14 -9.31
C LEU B 133 -11.60 -5.14 -10.13
N GLY B 134 -11.30 -5.52 -11.37
CA GLY B 134 -10.53 -4.64 -12.20
C GLY B 134 -11.34 -4.13 -13.37
N THR B 135 -10.61 -3.69 -14.39
CA THR B 135 -11.18 -3.26 -15.63
C THR B 135 -11.28 -4.43 -16.59
N ILE B 136 -12.04 -4.20 -17.67
CA ILE B 136 -12.14 -5.08 -18.82
C ILE B 136 -11.88 -4.23 -20.07
N PRO B 137 -11.50 -4.87 -21.18
CA PRO B 137 -11.37 -4.01 -22.34
C PRO B 137 -12.78 -3.70 -22.72
N GLY B 138 -13.05 -2.45 -23.02
CA GLY B 138 -14.45 -2.11 -23.23
C GLY B 138 -14.91 -1.19 -22.16
N ASP B 139 -14.13 -1.07 -21.10
CA ASP B 139 -14.17 0.07 -20.24
C ASP B 139 -13.37 1.22 -20.85
N ALA B 140 -12.67 0.98 -21.96
CA ALA B 140 -11.82 2.02 -22.57
C ALA B 140 -12.63 3.29 -22.81
N GLY B 141 -12.07 4.42 -22.41
CA GLY B 141 -12.70 5.71 -22.60
C GLY B 141 -13.22 6.29 -21.29
N CYS B 142 -13.46 5.44 -20.30
CA CYS B 142 -13.91 5.90 -18.99
C CYS B 142 -12.86 6.81 -18.34
N PRO B 143 -13.30 7.85 -17.60
CA PRO B 143 -12.41 8.89 -17.10
C PRO B 143 -11.66 8.56 -15.82
N TYR B 144 -10.48 9.17 -15.65
CA TYR B 144 -9.74 9.15 -14.40
C TYR B 144 -9.91 10.51 -13.79
N VAL B 145 -10.34 10.56 -12.55
CA VAL B 145 -10.61 11.83 -11.91
C VAL B 145 -10.08 11.83 -10.50
N TYR B 146 -9.88 13.00 -9.91
CA TYR B 146 -9.60 13.08 -8.47
C TYR B 146 -10.13 14.40 -7.93
N LYS B 147 -10.22 14.50 -6.61
CA LYS B 147 -10.66 15.73 -5.97
C LYS B 147 -9.47 16.55 -5.49
N LYS B 148 -9.24 17.68 -6.15
CA LYS B 148 -8.28 18.68 -5.68
C LYS B 148 -9.05 19.58 -4.73
N GLY B 149 -8.68 19.56 -3.44
CA GLY B 149 -9.46 20.24 -2.41
C GLY B 149 -10.88 19.75 -2.50
N ASN B 150 -11.81 20.70 -2.70
CA ASN B 150 -13.23 20.38 -2.87
C ASN B 150 -13.67 20.24 -4.33
N THR B 151 -12.85 20.75 -5.24
CA THR B 151 -13.17 20.73 -6.67
C THR B 151 -12.79 19.37 -7.28
N TRP B 152 -13.58 18.92 -8.25
CA TRP B 152 -13.22 17.74 -9.04
C TRP B 152 -12.44 18.14 -10.27
N VAL B 153 -11.61 17.21 -10.73
CA VAL B 153 -10.85 17.39 -11.97
C VAL B 153 -10.66 16.07 -12.72
N VAL B 154 -10.69 16.12 -14.05
CA VAL B 154 -10.42 14.91 -14.86
C VAL B 154 -9.00 14.98 -15.41
N ILE B 155 -8.31 13.85 -15.45
CA ILE B 155 -6.90 13.83 -15.82
C ILE B 155 -6.55 12.97 -17.03
N GLY B 156 -7.48 12.12 -17.45
CA GLY B 156 -7.24 11.23 -18.60
C GLY B 156 -8.38 10.27 -18.81
N VAL B 157 -8.19 9.32 -19.72
CA VAL B 157 -9.17 8.31 -20.06
C VAL B 157 -8.52 6.92 -20.17
N HIS B 158 -9.26 5.90 -19.74
CA HIS B 158 -8.74 4.54 -19.73
C HIS B 158 -8.45 4.02 -21.12
N VAL B 159 -7.27 3.42 -21.29
CA VAL B 159 -6.91 2.76 -22.55
C VAL B 159 -6.67 1.26 -22.41
N ALA B 160 -6.00 0.85 -21.34
CA ALA B 160 -5.71 -0.58 -21.17
C ALA B 160 -5.26 -0.94 -19.76
N ALA B 161 -5.24 -2.25 -19.52
CA ALA B 161 -4.74 -2.85 -18.31
C ALA B 161 -3.78 -4.02 -18.64
N THR B 162 -2.98 -4.46 -17.66
CA THR B 162 -2.16 -5.63 -17.85
C THR B 162 -2.96 -6.89 -17.69
N ARG B 163 -2.41 -8.00 -18.11
CA ARG B 163 -3.15 -9.26 -18.19
C ARG B 163 -3.68 -9.67 -16.84
N SER B 164 -2.78 -9.66 -15.87
CA SER B 164 -3.10 -10.01 -14.51
C SER B 164 -2.72 -8.83 -13.66
N GLY B 165 -3.10 -8.94 -12.41
CA GLY B 165 -2.76 -7.92 -11.45
C GLY B 165 -3.43 -6.58 -11.74
N ASN B 166 -2.65 -5.54 -11.51
CA ASN B 166 -3.18 -4.33 -11.08
C ASN B 166 -2.79 -3.13 -11.86
N THR B 167 -2.10 -3.25 -12.97
CA THR B 167 -1.60 -2.05 -13.66
C THR B 167 -2.57 -1.60 -14.74
N VAL B 168 -2.92 -0.32 -14.72
CA VAL B 168 -3.75 0.29 -15.76
C VAL B 168 -3.02 1.44 -16.42
N ILE B 169 -3.60 1.92 -17.52
CA ILE B 169 -2.99 2.96 -18.35
C ILE B 169 -4.03 3.95 -18.81
N ALA B 170 -3.77 5.22 -18.53
CA ALA B 170 -4.61 6.31 -18.97
C ALA B 170 -3.93 7.13 -20.04
N ALA B 171 -4.65 7.46 -21.11
CA ALA B 171 -4.15 8.42 -22.09
C ALA B 171 -4.37 9.82 -21.52
N THR B 172 -3.44 10.75 -21.76
CA THR B 172 -3.56 12.14 -21.27
C THR B 172 -3.42 13.14 -22.42
N HIS B 173 -4.04 14.32 -22.29
CA HIS B 173 -3.87 15.39 -23.31
C HIS B 173 -2.45 16.01 -23.42
N GLY B 174 -2.31 17.08 -24.20
CA GLY B 174 -1.05 17.84 -24.32
C GLY B 174 0.07 17.21 -25.14
N GLU B 175 1.26 17.83 -25.10
CA GLU B 175 2.46 17.29 -25.74
C GLU B 175 3.66 17.26 -24.77
N PRO B 176 4.81 16.64 -25.20
CA PRO B 176 6.12 16.81 -24.54
C PRO B 176 7.11 17.40 -25.51
N THR B 177 8.38 17.39 -25.13
CA THR B 177 9.53 17.40 -26.06
C THR B 177 10.69 16.76 -25.27
N LEU B 178 11.89 16.56 -25.87
CA LEU B 178 12.91 15.65 -25.29
C LEU B 178 14.39 16.01 -25.42
N GLU B 179 14.89 16.19 -26.64
CA GLU B 179 16.36 16.23 -26.86
C GLU B 179 16.88 17.24 -27.89
N ALA B 180 18.21 17.42 -27.94
CA ALA B 180 18.85 18.34 -28.86
C ALA B 180 20.18 17.80 -29.39
N LEU B 181 20.70 18.39 -30.48
CA LEU B 181 22.07 18.15 -30.99
C LEU B 181 22.47 19.50 -31.64
N GLU B 182 23.63 20.09 -31.36
CA GLU B 182 23.93 21.43 -31.92
C GLU B 182 25.34 21.63 -32.51
N PHE B 183 25.53 22.57 -33.43
CA PHE B 183 26.90 23.08 -33.71
C PHE B 183 27.38 23.95 -32.53
N GLN B 184 28.65 23.82 -32.13
CA GLN B 184 29.16 24.50 -30.92
C GLN B 184 30.60 24.98 -31.05
N GLY B 185 31.21 25.45 -29.95
CA GLY B 185 32.52 26.12 -30.01
C GLY B 185 33.72 25.36 -29.47
N VAL C 4 22.81 -18.13 8.21
CA VAL C 4 23.33 -16.83 7.66
C VAL C 4 22.22 -15.76 7.50
N SER C 5 22.48 -14.53 7.94
CA SER C 5 21.51 -13.46 7.74
C SER C 5 21.46 -13.14 6.29
N ILE C 6 20.29 -12.72 5.87
CA ILE C 6 20.12 -12.33 4.48
C ILE C 6 20.88 -11.04 4.13
N TRP C 7 20.96 -10.13 5.09
CA TRP C 7 21.69 -8.88 4.92
C TRP C 7 23.16 -9.09 4.67
N SER C 8 23.72 -10.15 5.22
CA SER C 8 25.12 -10.40 5.03
C SER C 8 25.45 -10.76 3.57
N ARG C 9 24.45 -11.09 2.77
CA ARG C 9 24.65 -11.35 1.34
C ARG C 9 24.80 -10.06 0.55
N VAL C 10 24.39 -8.95 1.11
CA VAL C 10 24.45 -7.66 0.42
C VAL C 10 25.76 -7.00 0.72
N VAL C 11 26.58 -6.80 -0.30
CA VAL C 11 27.91 -6.20 -0.11
C VAL C 11 28.19 -5.07 -1.11
N GLN C 12 29.09 -4.17 -0.73
CA GLN C 12 29.39 -3.00 -1.50
C GLN C 12 30.15 -3.44 -2.69
N PHE C 13 29.95 -2.77 -3.82
CA PHE C 13 30.52 -3.23 -5.10
C PHE C 13 30.47 -2.11 -6.16
N GLY C 14 31.64 -1.77 -6.70
CA GLY C 14 31.74 -0.64 -7.62
C GLY C 14 31.16 0.58 -6.94
N THR C 15 30.28 1.29 -7.67
CA THR C 15 29.65 2.51 -7.15
C THR C 15 28.25 2.25 -6.54
N GLY C 16 27.96 0.98 -6.26
CA GLY C 16 26.73 0.57 -5.63
C GLY C 16 26.93 -0.66 -4.76
N TRP C 17 26.08 -1.66 -4.97
CA TRP C 17 26.00 -2.85 -4.12
C TRP C 17 25.73 -4.08 -4.93
N GLY C 18 25.76 -5.24 -4.27
CA GLY C 18 25.46 -6.52 -4.97
C GLY C 18 25.09 -7.61 -3.98
N PHE C 19 24.75 -8.80 -4.49
CA PHE C 19 24.10 -9.87 -3.69
C PHE C 19 24.66 -11.25 -3.98
N TRP C 20 25.17 -11.91 -2.96
CA TRP C 20 25.60 -13.28 -3.07
C TRP C 20 24.37 -14.21 -3.09
N VAL C 21 24.01 -14.68 -4.28
CA VAL C 21 22.95 -15.65 -4.42
C VAL C 21 23.39 -16.99 -3.83
N SER C 22 24.68 -17.31 -4.03
CA SER C 22 25.30 -18.53 -3.52
C SER C 22 26.79 -18.28 -3.28
N GLY C 23 27.54 -19.33 -2.95
CA GLY C 23 28.98 -19.18 -2.78
C GLY C 23 29.75 -18.91 -4.08
N HIS C 24 29.15 -19.29 -5.22
CA HIS C 24 29.74 -19.05 -6.54
C HIS C 24 29.14 -17.86 -7.28
N VAL C 25 27.90 -17.50 -6.96
CA VAL C 25 27.15 -16.56 -7.79
C VAL C 25 26.88 -15.22 -7.10
N PHE C 26 27.31 -14.16 -7.75
CA PHE C 26 27.12 -12.77 -7.27
C PHE C 26 26.39 -11.97 -8.34
N ILE C 27 25.37 -11.20 -7.96
CA ILE C 27 24.65 -10.38 -8.92
C ILE C 27 24.62 -8.91 -8.51
N THR C 28 24.47 -8.05 -9.50
CA THR C 28 24.51 -6.63 -9.28
C THR C 28 23.91 -5.93 -10.50
N ALA C 29 23.88 -4.63 -10.46
CA ALA C 29 23.45 -3.82 -11.55
C ALA C 29 24.64 -3.47 -12.38
N LYS C 30 24.59 -3.81 -13.65
CA LYS C 30 25.72 -3.60 -14.54
C LYS C 30 26.29 -2.19 -14.44
N HIS C 31 25.44 -1.18 -14.34
CA HIS C 31 25.96 0.18 -14.42
C HIS C 31 26.79 0.65 -13.22
N VAL C 32 26.82 -0.13 -12.13
CA VAL C 32 27.64 0.23 -10.95
C VAL C 32 28.97 -0.55 -10.89
N ALA C 33 29.09 -1.58 -11.72
CA ALA C 33 30.21 -2.45 -11.68
C ALA C 33 31.49 -1.74 -12.11
N PRO C 34 32.62 -2.23 -11.63
CA PRO C 34 33.90 -1.70 -12.09
C PRO C 34 34.27 -2.20 -13.48
N PRO C 35 35.14 -1.44 -14.17
CA PRO C 35 35.58 -1.72 -15.51
C PRO C 35 35.97 -3.18 -15.76
N LYS C 36 35.78 -3.61 -17.01
CA LYS C 36 36.28 -4.88 -17.51
C LYS C 36 37.74 -5.04 -17.14
N GLY C 37 38.07 -6.20 -16.57
CA GLY C 37 39.46 -6.50 -16.18
C GLY C 37 39.90 -5.92 -14.85
N THR C 38 38.96 -5.70 -13.93
CA THR C 38 39.27 -5.28 -12.56
C THR C 38 39.31 -6.52 -11.68
N GLU C 39 40.30 -6.58 -10.79
CA GLU C 39 40.37 -7.61 -9.79
C GLU C 39 39.16 -7.41 -8.86
N ILE C 40 38.37 -8.44 -8.62
CA ILE C 40 37.29 -8.32 -7.66
C ILE C 40 37.26 -9.46 -6.67
N PHE C 41 36.99 -9.13 -5.41
CA PHE C 41 37.10 -10.09 -4.30
C PHE C 41 38.41 -10.84 -4.31
N GLY C 42 39.47 -10.10 -4.64
CA GLY C 42 40.78 -10.71 -4.80
C GLY C 42 40.87 -11.74 -5.92
N ARG C 43 39.94 -11.69 -6.89
CA ARG C 43 39.96 -12.60 -8.05
C ARG C 43 40.36 -11.87 -9.32
N LYS C 44 41.14 -12.57 -10.13
CA LYS C 44 41.62 -12.06 -11.41
C LYS C 44 40.61 -12.44 -12.48
N PRO C 45 40.63 -11.70 -13.58
CA PRO C 45 39.87 -12.16 -14.74
C PRO C 45 40.42 -13.52 -15.15
N GLY C 46 39.54 -14.50 -15.36
CA GLY C 46 39.96 -15.89 -15.60
C GLY C 46 39.54 -16.79 -14.45
N ASP C 47 39.29 -16.19 -13.28
CA ASP C 47 38.69 -16.90 -12.14
C ASP C 47 37.16 -16.84 -12.20
N PHE C 48 36.63 -15.99 -13.09
CA PHE C 48 35.18 -15.87 -13.21
C PHE C 48 34.67 -15.58 -14.62
N THR C 49 33.40 -15.94 -14.82
CA THR C 49 32.66 -15.62 -16.05
C THR C 49 31.53 -14.71 -15.71
N VAL C 50 31.21 -13.85 -16.67
CA VAL C 50 30.26 -12.75 -16.47
C VAL C 50 29.15 -12.83 -17.52
N THR C 51 27.87 -12.80 -17.09
CA THR C 51 26.73 -12.77 -18.01
C THR C 51 25.75 -11.64 -17.65
N SER C 52 25.27 -10.96 -18.66
CA SER C 52 24.39 -9.80 -18.42
C SER C 52 23.19 -9.70 -19.40
N SER C 53 22.00 -9.39 -18.86
CA SER C 53 20.81 -9.09 -19.65
C SER C 53 20.34 -7.70 -19.18
N GLY C 54 20.40 -6.74 -20.09
CA GLY C 54 20.12 -5.35 -19.79
C GLY C 54 21.07 -4.83 -18.74
N ASP C 55 20.53 -4.33 -17.66
CA ASP C 55 21.29 -3.85 -16.55
C ASP C 55 21.34 -4.89 -15.39
N PHE C 56 21.01 -6.15 -15.69
CA PHE C 56 21.24 -7.24 -14.76
C PHE C 56 22.62 -7.83 -15.08
N LEU C 57 23.45 -8.04 -14.05
CA LEU C 57 24.79 -8.57 -14.25
C LEU C 57 25.05 -9.69 -13.27
N LYS C 58 25.54 -10.80 -13.79
CA LYS C 58 25.90 -11.96 -12.97
C LYS C 58 27.39 -12.38 -13.12
N TYR C 59 28.08 -12.58 -12.00
CA TYR C 59 29.43 -13.15 -11.98
C TYR C 59 29.32 -14.58 -11.46
N TYR C 60 29.92 -15.52 -12.17
CA TYR C 60 30.07 -16.89 -11.70
C TYR C 60 31.57 -17.23 -11.48
N PHE C 61 31.95 -17.40 -10.21
CA PHE C 61 33.33 -17.72 -9.81
C PHE C 61 33.50 -19.20 -9.78
N THR C 62 34.47 -19.69 -10.54
CA THR C 62 34.65 -21.12 -10.72
C THR C 62 35.04 -21.85 -9.43
N SER C 63 35.75 -21.15 -8.55
CA SER C 63 35.99 -21.62 -7.18
C SER C 63 35.17 -20.74 -6.25
N ALA C 64 34.39 -21.36 -5.36
CA ALA C 64 33.50 -20.63 -4.46
C ALA C 64 34.22 -19.50 -3.72
N VAL C 65 33.65 -18.30 -3.75
CA VAL C 65 34.16 -17.19 -2.95
C VAL C 65 33.64 -17.23 -1.50
N ARG C 66 32.38 -17.61 -1.31
CA ARG C 66 31.76 -17.64 0.00
C ARG C 66 31.08 -18.99 0.31
N PRO C 67 31.87 -20.01 0.66
CA PRO C 67 31.30 -21.31 1.09
C PRO C 67 30.25 -21.26 2.23
N ASP C 68 30.32 -20.26 3.11
CA ASP C 68 29.38 -20.12 4.24
C ASP C 68 27.91 -19.90 3.81
N ILE C 69 27.69 -19.37 2.60
CA ILE C 69 26.33 -19.00 2.18
C ILE C 69 25.69 -20.00 1.24
N PRO C 70 24.59 -20.64 1.69
CA PRO C 70 23.90 -21.62 0.88
C PRO C 70 23.18 -20.92 -0.27
N ALA C 71 22.96 -21.66 -1.35
CA ALA C 71 22.37 -21.07 -2.55
C ALA C 71 20.93 -20.66 -2.26
N MET C 72 20.54 -19.50 -2.77
CA MET C 72 19.10 -19.11 -2.70
C MET C 72 18.48 -19.08 -4.10
N VAL C 73 17.16 -19.33 -4.16
CA VAL C 73 16.47 -19.45 -5.44
C VAL C 73 16.46 -18.08 -6.10
N LEU C 74 16.97 -18.00 -7.31
CA LEU C 74 16.88 -16.77 -8.09
C LEU C 74 15.74 -16.94 -9.09
N GLU C 75 14.95 -15.89 -9.25
CA GLU C 75 13.89 -15.89 -10.24
C GLU C 75 13.90 -14.65 -11.13
N ASN C 76 13.28 -14.83 -12.28
CA ASN C 76 12.99 -13.73 -13.17
C ASN C 76 11.70 -13.06 -12.69
N GLY C 77 11.86 -12.06 -11.81
CA GLY C 77 10.71 -11.32 -11.25
C GLY C 77 9.75 -12.19 -10.46
N CYS C 78 8.56 -11.65 -10.21
CA CYS C 78 7.48 -12.38 -9.56
C CYS C 78 6.14 -12.06 -10.18
N GLN C 79 5.12 -12.80 -9.76
CA GLN C 79 3.78 -12.42 -10.10
C GLN C 79 3.49 -10.98 -9.70
N GLU C 80 2.74 -10.28 -10.54
CA GLU C 80 2.40 -8.89 -10.27
C GLU C 80 1.48 -8.85 -9.05
N GLY C 81 1.65 -7.83 -8.20
CA GLY C 81 0.85 -7.67 -6.99
C GLY C 81 1.52 -8.17 -5.73
N VAL C 82 2.62 -8.91 -5.92
CA VAL C 82 3.35 -9.50 -4.82
C VAL C 82 4.03 -8.37 -4.08
N VAL C 83 4.00 -8.47 -2.77
CA VAL C 83 4.74 -7.51 -1.96
C VAL C 83 6.15 -8.08 -1.65
N ALA C 84 7.16 -7.43 -2.23
CA ALA C 84 8.53 -7.83 -2.06
C ALA C 84 9.25 -6.80 -1.15
N SER C 85 10.54 -7.04 -0.87
CA SER C 85 11.37 -6.11 -0.07
C SER C 85 12.58 -5.76 -0.88
N VAL C 86 12.94 -4.49 -0.90
CA VAL C 86 14.30 -4.09 -1.33
C VAL C 86 15.16 -4.00 -0.05
N LEU C 87 16.29 -4.70 -0.03
CA LEU C 87 17.23 -4.66 1.08
C LEU C 87 18.30 -3.63 0.78
N VAL C 88 18.09 -2.41 1.24
CA VAL C 88 18.98 -1.30 0.91
C VAL C 88 20.00 -1.16 2.02
N LYS C 89 21.30 -1.18 1.67
CA LYS C 89 22.36 -0.79 2.57
C LYS C 89 22.83 0.61 2.16
N ARG C 90 23.10 1.43 3.17
CA ARG C 90 23.76 2.73 3.01
C ARG C 90 25.22 2.68 3.51
N ALA C 91 26.03 3.58 2.96
CA ALA C 91 27.42 3.65 3.29
C ALA C 91 27.61 4.10 4.74
N SER C 92 26.59 4.74 5.33
CA SER C 92 26.59 5.11 6.73
C SER C 92 26.50 3.88 7.64
N GLY C 93 26.07 2.74 7.11
CA GLY C 93 25.82 1.56 7.93
C GLY C 93 24.35 1.23 8.18
N GLU C 94 23.45 2.18 7.89
CA GLU C 94 22.01 1.94 7.87
C GLU C 94 21.62 0.74 6.93
N MET C 95 20.69 -0.10 7.40
CA MET C 95 20.05 -1.12 6.60
C MET C 95 18.53 -0.81 6.59
N LEU C 96 17.98 -0.56 5.40
CA LEU C 96 16.51 -0.37 5.28
C LEU C 96 15.87 -1.33 4.30
N ALA C 97 14.94 -2.09 4.83
CA ALA C 97 14.12 -2.97 4.05
C ALA C 97 12.91 -2.14 3.62
N LEU C 98 12.73 -1.95 2.33
CA LEU C 98 11.61 -1.18 1.81
C LEU C 98 10.59 -2.12 1.15
N ALA C 99 9.39 -2.19 1.72
CA ALA C 99 8.25 -2.90 1.11
C ALA C 99 7.84 -2.25 -0.22
N VAL C 100 7.67 -3.09 -1.24
CA VAL C 100 7.35 -2.60 -2.56
C VAL C 100 6.34 -3.54 -3.19
N ARG C 101 5.22 -3.00 -3.69
CA ARG C 101 4.20 -3.81 -4.37
C ARG C 101 4.58 -3.90 -5.83
N MET C 102 4.86 -5.10 -6.29
CA MET C 102 5.45 -5.28 -7.63
C MET C 102 4.43 -5.17 -8.75
N GLY C 103 4.81 -4.37 -9.75
CA GLY C 103 4.01 -4.07 -10.88
C GLY C 103 4.36 -5.02 -11.98
N SER C 104 4.33 -4.50 -13.20
CA SER C 104 4.46 -5.34 -14.36
C SER C 104 5.87 -5.34 -14.92
N GLN C 105 6.22 -6.48 -15.53
CA GLN C 105 7.48 -6.63 -16.26
C GLN C 105 7.46 -5.83 -17.54
N ALA C 106 8.34 -4.86 -17.60
CA ALA C 106 8.28 -3.84 -18.62
C ALA C 106 9.69 -3.59 -19.16
N ALA C 107 9.83 -3.37 -20.46
CA ALA C 107 11.12 -2.94 -20.99
C ALA C 107 11.16 -1.43 -20.75
N ILE C 108 12.18 -0.93 -20.10
CA ILE C 108 12.24 0.45 -19.68
C ILE C 108 13.44 1.20 -20.23
N LYS C 109 13.16 2.24 -21.01
CA LYS C 109 14.23 3.05 -21.60
C LYS C 109 14.56 4.15 -20.58
N ILE C 110 15.86 4.48 -20.53
CA ILE C 110 16.46 5.37 -19.50
C ILE C 110 17.68 6.14 -20.05
N GLY C 111 17.38 7.04 -20.98
CA GLY C 111 18.38 7.88 -21.66
C GLY C 111 18.76 7.29 -23.00
N SER C 112 19.68 6.33 -22.97
CA SER C 112 19.98 5.50 -24.16
C SER C 112 20.24 4.05 -23.77
N ALA C 113 19.82 3.72 -22.54
CA ALA C 113 19.97 2.41 -21.93
C ALA C 113 18.60 1.73 -21.84
N VAL C 114 18.39 0.69 -22.63
CA VAL C 114 17.11 -0.01 -22.67
C VAL C 114 17.23 -1.16 -21.70
N VAL C 115 16.54 -1.05 -20.59
CA VAL C 115 16.62 -2.04 -19.55
C VAL C 115 15.37 -2.88 -19.54
N HIS C 116 15.50 -4.19 -19.57
CA HIS C 116 14.36 -5.05 -19.27
C HIS C 116 14.35 -5.25 -17.78
N GLY C 117 13.18 -5.10 -17.17
CA GLY C 117 13.00 -5.36 -15.74
C GLY C 117 11.54 -5.36 -15.26
N GLN C 118 11.33 -4.83 -14.05
CA GLN C 118 10.04 -4.85 -13.40
C GLN C 118 9.88 -3.64 -12.47
N THR C 119 8.74 -2.98 -12.56
CA THR C 119 8.48 -1.82 -11.73
C THR C 119 7.76 -2.25 -10.47
N GLY C 120 7.80 -1.39 -9.46
CA GLY C 120 7.01 -1.58 -8.25
C GLY C 120 6.75 -0.25 -7.61
N MET C 121 5.75 -0.16 -6.73
CA MET C 121 5.51 1.08 -6.02
C MET C 121 5.86 0.85 -4.57
N LEU C 122 6.67 1.76 -4.01
CA LEU C 122 7.04 1.65 -2.60
C LEU C 122 5.78 1.84 -1.72
N LEU C 123 5.73 1.05 -0.64
CA LEU C 123 4.63 1.08 0.30
C LEU C 123 4.85 2.06 1.44
N THR C 124 5.93 2.83 1.28
CA THR C 124 6.32 3.93 2.12
C THR C 124 5.67 5.29 1.79
N GLY C 125 4.95 5.42 0.67
CA GLY C 125 3.91 6.48 0.49
C GLY C 125 4.10 7.60 -0.55
N SER C 126 3.15 8.52 -0.63
CA SER C 126 3.12 9.52 -1.72
C SER C 126 4.39 10.34 -1.78
N ASN C 127 5.04 10.53 -0.63
CA ASN C 127 6.28 11.27 -0.55
C ASN C 127 7.43 10.62 0.26
N ALA C 128 7.82 9.45 -0.21
CA ALA C 128 8.94 8.70 0.37
C ALA C 128 10.27 9.47 0.24
N LYS C 129 10.60 9.97 -0.94
CA LYS C 129 11.85 10.72 -1.09
C LYS C 129 11.88 12.11 -0.50
N ALA C 130 10.74 12.78 -0.34
CA ALA C 130 10.70 14.01 0.47
C ALA C 130 11.16 13.69 1.89
N GLN C 131 10.76 12.50 2.36
CA GLN C 131 11.29 11.93 3.58
C GLN C 131 12.43 11.00 3.25
N ASP C 132 13.12 10.55 4.27
CA ASP C 132 14.36 9.81 4.03
C ASP C 132 14.06 8.30 3.96
N LEU C 133 12.97 7.94 3.27
CA LEU C 133 12.48 6.54 3.14
C LEU C 133 12.32 5.95 1.75
N GLY C 134 12.86 6.59 0.72
CA GLY C 134 12.91 5.97 -0.56
C GLY C 134 14.32 5.55 -0.82
N THR C 135 14.58 5.23 -2.08
CA THR C 135 15.89 4.87 -2.54
C THR C 135 16.60 6.15 -3.02
N ILE C 136 17.91 6.00 -3.22
CA ILE C 136 18.77 7.01 -3.80
C ILE C 136 19.58 6.33 -4.89
N PRO C 137 20.08 7.10 -5.86
CA PRO C 137 20.92 6.40 -6.77
C PRO C 137 22.19 6.05 -5.99
N GLY C 138 22.67 4.83 -6.09
CA GLY C 138 23.81 4.48 -5.21
C GLY C 138 23.35 3.42 -4.26
N ASP C 139 22.03 3.22 -4.21
CA ASP C 139 21.46 1.97 -3.72
C ASP C 139 21.45 0.95 -4.85
N ALA C 140 21.79 1.36 -6.07
CA ALA C 140 21.72 0.44 -7.23
C ALA C 140 22.52 -0.85 -6.96
N GLY C 141 21.93 -1.98 -7.29
CA GLY C 141 22.51 -3.27 -7.06
C GLY C 141 21.94 -4.02 -5.87
N CYS C 142 21.34 -3.30 -4.93
CA CYS C 142 20.64 -3.95 -3.79
C CYS C 142 19.49 -4.87 -4.28
N PRO C 143 19.25 -6.01 -3.59
CA PRO C 143 18.34 -7.02 -4.09
C PRO C 143 16.88 -6.79 -3.77
N TYR C 144 15.99 -7.34 -4.62
CA TYR C 144 14.57 -7.43 -4.31
C TYR C 144 14.28 -8.87 -3.98
N VAL C 145 13.69 -9.12 -2.82
CA VAL C 145 13.44 -10.49 -2.39
C VAL C 145 12.02 -10.64 -1.86
N TYR C 146 11.51 -11.85 -1.78
CA TYR C 146 10.27 -12.11 -1.05
C TYR C 146 10.27 -13.54 -0.54
N LYS C 147 9.32 -13.84 0.34
CA LYS C 147 9.16 -15.20 0.84
C LYS C 147 8.02 -15.92 0.11
N LYS C 148 8.35 -16.90 -0.71
CA LYS C 148 7.35 -17.83 -1.26
C LYS C 148 7.16 -18.95 -0.24
N GLY C 149 5.96 -19.05 0.33
CA GLY C 149 5.75 -19.95 1.45
C GLY C 149 6.78 -19.66 2.51
N ASN C 150 7.57 -20.68 2.86
CA ASN C 150 8.65 -20.54 3.84
C ASN C 150 10.03 -20.27 3.21
N THR C 151 10.15 -20.53 1.91
CA THR C 151 11.43 -20.35 1.20
C THR C 151 11.62 -18.89 0.77
N TRP C 152 12.85 -18.40 0.84
CA TRP C 152 13.18 -17.07 0.35
C TRP C 152 13.56 -17.16 -1.09
N VAL C 153 13.37 -16.08 -1.83
CA VAL C 153 13.79 -16.05 -3.23
C VAL C 153 14.15 -14.63 -3.66
N VAL C 154 15.19 -14.51 -4.47
CA VAL C 154 15.62 -13.17 -4.94
C VAL C 154 15.12 -13.05 -6.34
N ILE C 155 14.63 -11.86 -6.69
CA ILE C 155 13.94 -11.70 -7.97
C ILE C 155 14.55 -10.66 -8.91
N GLY C 156 15.47 -9.84 -8.40
CA GLY C 156 16.14 -8.84 -9.23
C GLY C 156 17.03 -7.94 -8.39
N VAL C 157 17.49 -6.86 -9.00
CA VAL C 157 18.33 -5.88 -8.33
C VAL C 157 17.89 -4.48 -8.69
N HIS C 158 18.03 -3.57 -7.74
CA HIS C 158 17.66 -2.18 -7.93
C HIS C 158 18.49 -1.49 -9.03
N VAL C 159 17.81 -0.81 -9.94
CA VAL C 159 18.49 0.03 -10.92
C VAL C 159 18.15 1.51 -10.80
N ALA C 160 16.90 1.84 -10.54
CA ALA C 160 16.49 3.25 -10.50
C ALA C 160 15.11 3.48 -9.93
N ALA C 161 14.84 4.75 -9.68
CA ALA C 161 13.58 5.21 -9.15
C ALA C 161 13.12 6.42 -9.97
N THR C 162 11.82 6.75 -9.92
CA THR C 162 11.34 7.97 -10.57
C THR C 162 11.73 9.21 -9.77
N ARG C 163 11.60 10.37 -10.39
CA ARG C 163 12.02 11.63 -9.79
C ARG C 163 11.36 11.85 -8.40
N SER C 164 10.05 11.61 -8.32
CA SER C 164 9.30 11.56 -7.01
C SER C 164 9.65 10.47 -6.01
N GLY C 165 10.25 9.39 -6.50
CA GLY C 165 10.69 8.25 -5.71
C GLY C 165 9.73 7.08 -5.43
N ASN C 166 8.51 7.15 -5.93
CA ASN C 166 7.46 6.18 -5.50
C ASN C 166 7.47 4.90 -6.33
N THR C 167 7.82 5.10 -7.59
CA THR C 167 8.06 4.01 -8.51
C THR C 167 9.54 3.65 -8.52
N VAL C 168 9.83 2.38 -8.32
CA VAL C 168 11.17 1.85 -8.45
C VAL C 168 11.24 0.82 -9.56
N ILE C 169 12.48 0.46 -9.94
CA ILE C 169 12.74 -0.41 -11.05
C ILE C 169 13.84 -1.41 -10.71
N ALA C 170 13.53 -2.70 -10.88
CA ALA C 170 14.47 -3.77 -10.67
C ALA C 170 14.82 -4.42 -12.00
N ALA C 171 16.11 -4.65 -12.23
CA ALA C 171 16.54 -5.45 -13.39
C ALA C 171 16.32 -6.93 -13.04
N THR C 172 15.90 -7.75 -14.02
CA THR C 172 15.67 -9.18 -13.80
C THR C 172 16.45 -9.98 -14.82
N HIS C 173 16.80 -11.22 -14.45
CA HIS C 173 17.55 -12.10 -15.38
C HIS C 173 16.93 -12.51 -16.76
N GLY C 174 15.65 -12.26 -17.00
CA GLY C 174 15.02 -12.52 -18.32
C GLY C 174 14.84 -13.97 -18.76
N GLU C 175 14.53 -14.15 -20.05
CA GLU C 175 14.71 -15.44 -20.77
C GLU C 175 15.21 -15.22 -22.22
N VAL D 4 27.03 15.07 15.15
CA VAL D 4 25.73 14.35 15.35
C VAL D 4 25.58 13.26 14.29
N SER D 5 24.54 12.46 14.56
CA SER D 5 23.83 11.58 13.66
C SER D 5 22.70 11.20 14.58
N ILE D 6 21.55 10.90 14.01
CA ILE D 6 20.40 10.53 14.82
C ILE D 6 20.61 9.19 15.53
N TRP D 7 21.30 8.28 14.88
CA TRP D 7 21.62 6.98 15.43
C TRP D 7 22.48 7.05 16.67
N SER D 8 23.31 8.08 16.77
CA SER D 8 24.17 8.20 17.91
C SER D 8 23.36 8.53 19.18
N ARG D 9 22.10 8.94 19.03
CA ARG D 9 21.22 9.14 20.18
C ARG D 9 20.69 7.84 20.76
N VAL D 10 20.75 6.75 19.98
CA VAL D 10 20.25 5.45 20.42
C VAL D 10 21.35 4.69 21.12
N VAL D 11 21.18 4.41 22.41
CA VAL D 11 22.22 3.70 23.16
C VAL D 11 21.64 2.52 23.96
N GLN D 12 22.50 1.55 24.25
CA GLN D 12 22.13 0.32 24.95
C GLN D 12 21.78 0.71 26.37
N PHE D 13 20.78 0.05 26.96
CA PHE D 13 20.25 0.42 28.27
C PHE D 13 19.41 -0.70 28.89
N GLY D 14 19.78 -1.13 30.09
CA GLY D 14 19.17 -2.29 30.71
C GLY D 14 19.21 -3.43 29.73
N THR D 15 18.07 -4.10 29.57
CA THR D 15 17.98 -5.25 28.66
C THR D 15 17.46 -4.87 27.27
N GLY D 16 17.48 -3.57 26.95
CA GLY D 16 17.11 -3.07 25.64
C GLY D 16 17.92 -1.86 25.26
N TRP D 17 17.22 -0.80 24.84
CA TRP D 17 17.84 0.42 24.34
C TRP D 17 17.13 1.67 24.84
N GLY D 18 17.68 2.85 24.52
CA GLY D 18 17.03 4.13 24.82
C GLY D 18 17.52 5.28 23.93
N PHE D 19 16.94 6.47 24.09
CA PHE D 19 17.13 7.58 23.14
C PHE D 19 17.37 8.92 23.82
N TRP D 20 18.49 9.55 23.52
CA TRP D 20 18.75 10.89 24.00
C TRP D 20 17.92 11.90 23.19
N VAL D 21 16.84 12.39 23.80
CA VAL D 21 16.06 13.44 23.20
C VAL D 21 16.85 14.74 23.18
N SER D 22 17.61 14.97 24.24
CA SER D 22 18.44 16.16 24.41
C SER D 22 19.64 15.81 25.30
N GLY D 23 20.45 16.80 25.66
CA GLY D 23 21.57 16.57 26.57
C GLY D 23 21.15 16.20 27.98
N HIS D 24 19.93 16.61 28.36
CA HIS D 24 19.39 16.31 29.69
C HIS D 24 18.39 15.16 29.70
N VAL D 25 17.75 14.88 28.58
CA VAL D 25 16.57 13.99 28.56
C VAL D 25 16.83 12.67 27.82
N PHE D 26 16.62 11.56 28.53
CA PHE D 26 16.77 10.23 27.99
C PHE D 26 15.46 9.46 28.15
N ILE D 27 15.02 8.77 27.10
CA ILE D 27 13.78 7.98 27.21
C ILE D 27 14.00 6.51 26.82
N THR D 28 13.17 5.65 27.38
CA THR D 28 13.29 4.22 27.13
C THR D 28 11.97 3.54 27.49
N ALA D 29 11.93 2.23 27.33
CA ALA D 29 10.77 1.43 27.72
C ALA D 29 10.99 0.99 29.13
N LYS D 30 10.04 1.31 29.99
CA LYS D 30 10.16 1.00 31.39
C LYS D 30 10.58 -0.46 31.65
N HIS D 31 10.01 -1.41 30.91
CA HIS D 31 10.24 -2.82 31.23
C HIS D 31 11.66 -3.33 30.94
N VAL D 32 12.50 -2.55 30.26
CA VAL D 32 13.91 -2.92 30.02
C VAL D 32 14.88 -2.27 30.99
N ALA D 33 14.40 -1.25 31.71
CA ALA D 33 15.26 -0.45 32.56
C ALA D 33 15.78 -1.23 33.75
N PRO D 34 16.94 -0.81 34.26
CA PRO D 34 17.45 -1.45 35.45
C PRO D 34 16.69 -0.96 36.68
N PRO D 35 16.72 -1.75 37.74
CA PRO D 35 16.04 -1.46 38.99
C PRO D 35 16.16 -0.02 39.50
N LYS D 36 15.11 0.45 40.21
CA LYS D 36 15.16 1.70 41.01
C LYS D 36 16.49 1.74 41.75
N GLY D 37 17.19 2.87 41.68
CA GLY D 37 18.41 3.07 42.46
C GLY D 37 19.67 2.45 41.87
N THR D 38 19.69 2.29 40.55
CA THR D 38 20.89 1.83 39.86
C THR D 38 21.65 3.06 39.35
N GLU D 39 22.97 3.03 39.47
CA GLU D 39 23.83 4.06 38.89
C GLU D 39 23.75 3.94 37.36
N ILE D 40 23.44 5.04 36.67
CA ILE D 40 23.36 5.00 35.22
C ILE D 40 24.12 6.16 34.61
N PHE D 41 24.84 5.86 33.53
CA PHE D 41 25.73 6.81 32.89
C PHE D 41 26.66 7.46 33.88
N GLY D 42 27.11 6.66 34.85
CA GLY D 42 27.91 7.16 35.95
C GLY D 42 27.20 8.18 36.83
N ARG D 43 25.86 8.19 36.81
CA ARG D 43 25.08 9.09 37.67
C ARG D 43 24.39 8.34 38.80
N LYS D 44 24.34 8.98 39.96
CA LYS D 44 23.69 8.42 41.13
C LYS D 44 22.23 8.85 41.11
N PRO D 45 21.35 8.08 41.77
CA PRO D 45 20.05 8.64 42.11
C PRO D 45 20.23 9.94 42.91
N GLY D 46 19.55 11.00 42.48
CA GLY D 46 19.76 12.34 43.04
C GLY D 46 20.37 13.28 42.02
N ASP D 47 21.00 12.71 40.99
CA ASP D 47 21.44 13.48 39.82
C ASP D 47 20.35 13.52 38.77
N PHE D 48 19.29 12.72 38.94
CA PHE D 48 18.19 12.67 37.97
C PHE D 48 16.80 12.41 38.56
N THR D 49 15.79 12.88 37.85
CA THR D 49 14.39 12.60 38.15
C THR D 49 13.80 11.75 37.03
N VAL D 50 12.85 10.89 37.39
CA VAL D 50 12.31 9.84 36.53
C VAL D 50 10.78 9.97 36.51
N THR D 51 10.20 10.04 35.32
CA THR D 51 8.74 10.10 35.16
C THR D 51 8.24 9.09 34.11
N SER D 52 7.04 8.55 34.34
CA SER D 52 6.45 7.56 33.49
C SER D 52 5.05 7.89 33.06
N SER D 53 4.66 7.13 32.05
CA SER D 53 3.28 6.77 31.80
C SER D 53 3.23 5.41 31.05
N GLY D 54 2.57 4.42 31.67
CA GLY D 54 2.57 3.05 31.17
C GLY D 54 3.97 2.50 31.11
N ASP D 55 4.36 2.09 29.93
CA ASP D 55 5.70 1.56 29.66
C ASP D 55 6.61 2.60 29.01
N PHE D 56 6.22 3.86 29.04
CA PHE D 56 7.09 4.95 28.62
C PHE D 56 7.83 5.46 29.86
N LEU D 57 9.14 5.62 29.73
CA LEU D 57 9.96 6.04 30.88
C LEU D 57 10.92 7.15 30.46
N LYS D 58 10.95 8.22 31.25
CA LYS D 58 11.81 9.39 30.99
C LYS D 58 12.74 9.71 32.20
N TYR D 59 14.03 9.89 31.91
CA TYR D 59 15.00 10.38 32.88
C TYR D 59 15.38 11.81 32.52
N TYR D 60 15.33 12.70 33.50
CA TYR D 60 15.83 14.07 33.37
C TYR D 60 17.04 14.31 34.29
N PHE D 61 18.21 14.46 33.69
CA PHE D 61 19.46 14.69 34.41
C PHE D 61 19.65 16.18 34.62
N THR D 62 19.81 16.59 35.87
CA THR D 62 19.89 18.00 36.24
C THR D 62 21.11 18.72 35.66
N SER D 63 22.20 17.97 35.50
CA SER D 63 23.36 18.44 34.77
C SER D 63 23.44 17.63 33.49
N ALA D 64 23.58 18.31 32.36
CA ALA D 64 23.56 17.66 31.03
C ALA D 64 24.54 16.48 30.95
N VAL D 65 24.07 15.33 30.49
CA VAL D 65 24.95 14.19 30.24
C VAL D 65 25.64 14.30 28.88
N ARG D 66 24.92 14.80 27.88
CA ARG D 66 25.44 14.91 26.53
C ARG D 66 25.23 16.30 25.92
N PRO D 67 26.05 17.29 26.29
CA PRO D 67 26.02 18.62 25.67
C PRO D 67 26.10 18.65 24.12
N ASP D 68 26.75 17.67 23.50
CA ASP D 68 26.91 17.61 22.05
C ASP D 68 25.59 17.50 21.29
N ILE D 69 24.55 16.97 21.93
CA ILE D 69 23.28 16.69 21.22
C ILE D 69 22.19 17.72 21.48
N PRO D 70 21.79 18.45 20.43
CA PRO D 70 20.73 19.44 20.56
C PRO D 70 19.38 18.76 20.79
N ALA D 71 18.47 19.49 21.43
CA ALA D 71 17.18 18.94 21.82
C ALA D 71 16.34 18.61 20.59
N MET D 72 15.67 17.47 20.64
CA MET D 72 14.77 17.08 19.59
C MET D 72 13.34 17.23 20.09
N VAL D 73 12.43 17.57 19.18
CA VAL D 73 11.02 17.71 19.56
C VAL D 73 10.47 16.34 19.91
N LEU D 74 9.94 16.20 21.10
CA LEU D 74 9.25 14.97 21.51
C LEU D 74 7.76 15.21 21.42
N GLU D 75 7.04 14.21 20.89
CA GLU D 75 5.60 14.27 20.83
C GLU D 75 4.92 13.03 21.40
N ASN D 76 3.67 13.22 21.77
CA ASN D 76 2.79 12.13 22.15
C ASN D 76 2.15 11.51 20.90
N GLY D 77 2.84 10.52 20.32
CA GLY D 77 2.42 9.92 19.06
C GLY D 77 2.32 10.91 17.91
N CYS D 78 1.64 10.46 16.84
CA CYS D 78 1.39 11.30 15.68
C CYS D 78 0.00 11.04 15.15
N GLN D 79 -0.40 11.86 14.21
CA GLN D 79 -1.62 11.57 13.49
C GLN D 79 -1.55 10.17 12.88
N GLU D 80 -2.69 9.51 12.86
CA GLU D 80 -2.77 8.17 12.32
C GLU D 80 -2.57 8.30 10.79
N GLY D 81 -1.87 7.34 10.20
CA GLY D 81 -1.56 7.36 8.78
C GLY D 81 -0.18 7.90 8.43
N VAL D 82 0.49 8.48 9.42
CA VAL D 82 1.85 8.97 9.26
C VAL D 82 2.81 7.80 9.12
N VAL D 83 3.76 7.92 8.22
CA VAL D 83 4.81 6.91 8.09
C VAL D 83 6.01 7.36 8.91
N ALA D 84 6.33 6.59 9.97
CA ALA D 84 7.43 6.86 10.83
C ALA D 84 8.51 5.80 10.62
N SER D 85 9.63 5.93 11.33
CA SER D 85 10.73 4.94 11.31
C SER D 85 11.02 4.47 12.74
N VAL D 86 11.24 3.17 12.92
CA VAL D 86 11.84 2.64 14.15
C VAL D 86 13.35 2.49 13.86
N LEU D 87 14.16 3.10 14.70
CA LEU D 87 15.63 3.02 14.60
C LEU D 87 16.11 1.93 15.52
N VAL D 88 16.26 0.74 14.96
CA VAL D 88 16.58 -0.43 15.75
C VAL D 88 18.07 -0.62 15.70
N LYS D 89 18.72 -0.70 16.86
CA LYS D 89 20.08 -1.17 16.96
C LYS D 89 20.08 -2.62 17.49
N ARG D 90 20.97 -3.44 16.91
CA ARG D 90 21.22 -4.80 17.38
C ARG D 90 22.57 -4.88 18.09
N ALA D 91 22.69 -5.86 18.97
CA ALA D 91 23.91 -6.07 19.72
C ALA D 91 25.05 -6.51 18.81
N SER D 92 24.73 -7.05 17.63
CA SER D 92 25.72 -7.39 16.61
C SER D 92 26.37 -6.14 15.99
N GLY D 93 25.76 -4.98 16.19
CA GLY D 93 26.25 -3.74 15.60
C GLY D 93 25.36 -3.22 14.48
N GLU D 94 24.51 -4.08 13.93
CA GLU D 94 23.54 -3.70 12.90
C GLU D 94 22.67 -2.52 13.31
N MET D 95 22.44 -1.59 12.39
CA MET D 95 21.44 -0.52 12.55
C MET D 95 20.36 -0.69 11.47
N LEU D 96 19.12 -0.91 11.88
CA LEU D 96 17.97 -1.14 10.97
C LEU D 96 16.88 -0.12 11.17
N ALA D 97 16.63 0.69 10.14
CA ALA D 97 15.54 1.64 10.16
C ALA D 97 14.34 0.90 9.55
N LEU D 98 13.28 0.72 10.33
CA LEU D 98 12.06 0.05 9.88
C LEU D 98 10.93 1.08 9.67
N ALA D 99 10.53 1.26 8.42
CA ALA D 99 9.32 2.06 8.09
C ALA D 99 8.07 1.42 8.67
N VAL D 100 7.24 2.25 9.30
CA VAL D 100 6.01 1.77 9.96
C VAL D 100 4.89 2.78 9.72
N ARG D 101 3.74 2.32 9.20
CA ARG D 101 2.56 3.19 9.02
C ARG D 101 1.85 3.20 10.35
N MET D 102 1.78 4.37 11.01
CA MET D 102 1.18 4.49 12.36
C MET D 102 -0.37 4.44 12.40
N GLY D 103 -0.86 3.56 13.26
CA GLY D 103 -2.28 3.29 13.40
C GLY D 103 -2.84 4.16 14.50
N SER D 104 -3.79 3.59 15.25
CA SER D 104 -4.56 4.37 16.23
C SER D 104 -3.98 4.21 17.64
N GLN D 105 -4.09 5.29 18.42
CA GLN D 105 -3.66 5.30 19.83
C GLN D 105 -4.63 4.39 20.60
N ALA D 106 -4.07 3.31 21.15
CA ALA D 106 -4.80 2.14 21.63
C ALA D 106 -4.09 1.56 22.87
N ALA D 107 -4.32 0.30 23.25
CA ALA D 107 -3.75 -0.24 24.49
C ALA D 107 -3.52 -1.75 24.52
N ILE D 108 -2.80 -2.19 25.54
CA ILE D 108 -2.88 -3.57 26.12
C ILE D 108 -1.84 -4.58 25.62
N LYS D 109 -0.94 -4.97 26.52
CA LYS D 109 0.01 -6.02 26.26
C LYS D 109 0.03 -6.89 27.49
N ILE D 110 -0.05 -8.20 27.26
CA ILE D 110 -0.16 -9.17 28.33
C ILE D 110 1.24 -9.48 28.87
N GLY D 111 1.80 -8.55 29.65
CA GLY D 111 3.08 -8.74 30.38
C GLY D 111 2.93 -8.37 31.86
N SER D 112 2.14 -9.17 32.57
CA SER D 112 1.73 -8.87 33.95
C SER D 112 1.12 -7.48 34.18
N ALA D 113 0.43 -6.88 33.21
CA ALA D 113 -0.28 -5.61 33.46
C ALA D 113 -1.06 -5.06 32.19
N VAL D 114 -1.42 -3.78 32.21
CA VAL D 114 -2.06 -3.08 31.09
C VAL D 114 -1.38 -1.75 30.69
N VAL D 115 -0.75 -1.73 29.51
CA VAL D 115 0.00 -0.55 29.03
C VAL D 115 -0.62 0.13 27.80
N HIS D 116 -0.30 1.40 27.62
CA HIS D 116 -0.88 2.21 26.53
C HIS D 116 0.09 3.03 25.65
N GLY D 117 -0.35 3.19 24.40
CA GLY D 117 0.53 3.65 23.33
C GLY D 117 -0.17 3.73 21.97
N GLN D 118 0.52 3.24 20.93
CA GLN D 118 0.08 3.42 19.58
C GLN D 118 0.60 2.25 18.75
N THR D 119 -0.25 1.72 17.89
CA THR D 119 0.13 0.62 17.01
C THR D 119 0.60 1.17 15.68
N GLY D 120 1.37 0.36 14.95
CA GLY D 120 1.67 0.62 13.53
C GLY D 120 1.89 -0.69 12.80
N MET D 121 1.84 -0.66 11.48
CA MET D 121 2.14 -1.83 10.73
C MET D 121 3.43 -1.59 10.01
N LEU D 122 4.34 -2.55 10.08
CA LEU D 122 5.63 -2.42 9.37
C LEU D 122 5.43 -2.47 7.87
N LEU D 123 6.21 -1.62 7.17
CA LEU D 123 6.21 -1.49 5.71
C LEU D 123 7.54 -2.03 5.17
N THR D 124 7.99 -3.03 5.88
CA THR D 124 9.20 -3.76 5.59
C THR D 124 9.08 -4.93 4.57
N GLY D 125 7.88 -5.49 4.42
CA GLY D 125 7.69 -6.70 3.60
C GLY D 125 6.32 -7.31 3.89
N SER D 126 6.03 -8.46 3.27
CA SER D 126 4.71 -9.08 3.40
C SER D 126 4.35 -9.59 4.80
N ASN D 127 5.32 -10.20 5.47
CA ASN D 127 5.03 -10.86 6.75
C ASN D 127 6.33 -10.81 7.56
N ALA D 128 6.66 -9.65 8.13
CA ALA D 128 7.95 -9.41 8.77
C ALA D 128 7.93 -9.99 10.19
N LYS D 129 8.51 -11.18 10.32
CA LYS D 129 8.41 -12.05 11.53
C LYS D 129 8.75 -13.42 11.03
N ALA D 130 7.89 -13.93 10.15
CA ALA D 130 8.23 -15.08 9.32
C ALA D 130 9.48 -14.73 8.52
N GLN D 131 9.57 -13.47 8.07
CA GLN D 131 10.78 -12.88 7.53
C GLN D 131 11.61 -12.25 8.71
N ASP D 132 12.94 -12.14 8.57
CA ASP D 132 13.77 -11.59 9.64
C ASP D 132 13.84 -10.07 9.53
N LEU D 133 12.74 -9.47 9.09
CA LEU D 133 12.72 -8.07 8.69
C LEU D 133 11.94 -7.26 9.69
N GLY D 134 11.66 -7.89 10.83
CA GLY D 134 10.90 -7.22 11.84
C GLY D 134 11.75 -6.95 13.05
N THR D 135 11.05 -6.66 14.15
CA THR D 135 11.66 -6.45 15.43
C THR D 135 11.80 -7.79 16.15
N ILE D 136 12.57 -7.74 17.23
CA ILE D 136 12.71 -8.84 18.18
C ILE D 136 12.48 -8.25 19.57
N PRO D 137 12.12 -9.10 20.55
CA PRO D 137 12.11 -8.50 21.88
C PRO D 137 13.55 -8.22 22.26
N GLY D 138 13.84 -7.04 22.76
CA GLY D 138 15.24 -6.72 22.99
C GLY D 138 15.64 -5.59 22.08
N ASP D 139 14.78 -5.30 21.11
CA ASP D 139 14.78 -4.01 20.48
C ASP D 139 14.00 -3.02 21.32
N ALA D 140 13.35 -3.49 22.38
CA ALA D 140 12.53 -2.61 23.19
C ALA D 140 13.31 -1.38 23.66
N GLY D 141 12.70 -0.20 23.50
CA GLY D 141 13.33 1.06 23.90
C GLY D 141 13.79 1.89 22.71
N CYS D 142 14.03 1.25 21.58
CA CYS D 142 14.43 1.97 20.37
C CYS D 142 13.33 2.96 19.95
N PRO D 143 13.70 4.12 19.38
CA PRO D 143 12.75 5.21 19.14
C PRO D 143 11.94 5.08 17.86
N TYR D 144 10.76 5.69 17.88
CA TYR D 144 9.98 5.91 16.66
C TYR D 144 10.11 7.39 16.31
N VAL D 145 10.51 7.69 15.09
CA VAL D 145 10.71 9.07 14.70
C VAL D 145 10.15 9.34 13.32
N TYR D 146 9.90 10.60 12.98
CA TYR D 146 9.56 10.95 11.61
C TYR D 146 10.03 12.36 11.30
N LYS D 147 10.03 12.74 10.03
CA LYS D 147 10.43 14.09 9.62
C LYS D 147 9.24 14.97 9.34
N LYS D 148 9.01 15.93 10.23
CA LYS D 148 8.02 16.97 10.01
C LYS D 148 8.73 18.09 9.25
N GLY D 149 8.33 18.30 7.99
CA GLY D 149 9.05 19.19 7.10
C GLY D 149 10.50 18.74 7.06
N ASN D 150 11.40 19.65 7.42
CA ASN D 150 12.83 19.35 7.48
C ASN D 150 13.31 18.93 8.89
N THR D 151 12.48 19.24 9.90
CA THR D 151 12.76 18.95 11.29
C THR D 151 12.47 17.48 11.61
N TRP D 152 13.31 16.87 12.44
CA TRP D 152 13.02 15.53 12.96
C TRP D 152 12.27 15.62 14.27
N VAL D 153 11.50 14.58 14.58
CA VAL D 153 10.74 14.51 15.82
C VAL D 153 10.66 13.08 16.30
N VAL D 154 10.73 12.86 17.61
CA VAL D 154 10.53 11.51 18.16
C VAL D 154 9.12 11.43 18.76
N ILE D 155 8.47 10.28 18.61
CA ILE D 155 7.08 10.15 19.02
C ILE D 155 6.80 9.04 20.05
N GLY D 156 7.76 8.14 20.25
CA GLY D 156 7.57 7.06 21.21
C GLY D 156 8.74 6.10 21.17
N VAL D 157 8.60 4.99 21.88
CA VAL D 157 9.63 3.95 21.99
C VAL D 157 9.00 2.58 21.83
N HIS D 158 9.73 1.69 21.19
CA HIS D 158 9.27 0.32 20.97
C HIS D 158 9.02 -0.45 22.27
N VAL D 159 7.87 -1.12 22.35
CA VAL D 159 7.59 -2.03 23.46
C VAL D 159 7.39 -3.48 23.04
N ALA D 160 6.66 -3.71 21.95
CA ALA D 160 6.36 -5.10 21.53
C ALA D 160 5.81 -5.20 20.10
N ALA D 161 5.76 -6.43 19.61
CA ALA D 161 5.23 -6.79 18.28
C ALA D 161 4.31 -8.01 18.40
N THR D 162 3.46 -8.24 17.41
CA THR D 162 2.57 -9.43 17.40
C THR D 162 3.33 -10.68 16.96
N ARG D 163 2.72 -11.85 17.16
CA ARG D 163 3.38 -13.13 16.91
C ARG D 163 3.90 -13.22 15.48
N SER D 164 2.98 -12.98 14.57
CA SER D 164 3.20 -13.04 13.15
C SER D 164 2.83 -11.70 12.58
N GLY D 165 3.12 -11.56 11.30
CA GLY D 165 2.82 -10.37 10.58
C GLY D 165 3.55 -9.15 11.10
N ASN D 166 2.85 -8.05 11.11
CA ASN D 166 3.46 -6.79 10.92
C ASN D 166 3.11 -5.78 11.93
N THR D 167 2.44 -6.12 13.04
CA THR D 167 1.97 -5.08 13.97
C THR D 167 3.00 -4.86 15.09
N VAL D 168 3.37 -3.60 15.28
CA VAL D 168 4.24 -3.19 16.40
C VAL D 168 3.51 -2.21 17.30
N ILE D 169 4.10 -1.96 18.47
CA ILE D 169 3.49 -1.12 19.51
C ILE D 169 4.55 -0.21 20.12
N ALA D 170 4.26 1.09 20.10
CA ALA D 170 5.11 2.10 20.70
C ALA D 170 4.44 2.70 21.94
N ALA D 171 5.19 2.82 23.03
CA ALA D 171 4.70 3.56 24.19
C ALA D 171 4.86 5.05 23.90
N THR D 172 3.91 5.86 24.34
CA THR D 172 3.99 7.31 24.14
C THR D 172 3.91 8.05 25.50
N HIS D 173 4.56 9.23 25.60
CA HIS D 173 4.57 10.05 26.80
C HIS D 173 3.60 11.26 26.74
N GLY D 174 4.05 12.28 25.99
CA GLY D 174 3.51 13.64 26.06
C GLY D 174 4.23 14.60 25.14
N LEU E 1 -15.16 6.25 17.21
CA LEU E 1 -15.96 5.37 16.23
C LEU E 1 -17.38 5.88 15.99
N GLU E 2 -17.58 6.57 14.86
CA GLU E 2 -18.91 6.84 14.27
C GLU E 2 -19.69 5.60 13.83
N PHE E 3 -20.90 5.46 14.35
CA PHE E 3 -21.82 4.41 13.92
C PHE E 3 -23.04 5.01 13.28
N GLN E 4 -23.82 4.12 12.67
CA GLN E 4 -25.07 4.46 11.99
C GLN E 4 -26.16 4.40 13.05
N GLY E 5 -26.95 5.49 13.14
CA GLY E 5 -28.17 5.50 13.97
C GLY E 5 -29.10 4.35 13.61
N UNK F 1 -0.34 -8.92 22.83
CA UNK F 1 -1.57 -8.22 22.34
C UNK F 1 -2.86 -8.94 22.82
N UNK F 2 -3.57 -8.29 23.75
CA UNK F 2 -4.86 -8.76 24.28
C UNK F 2 -6.10 -8.15 23.54
N UNK F 3 -5.98 -6.90 23.04
CA UNK F 3 -7.10 -6.07 22.45
C UNK F 3 -6.53 -4.93 21.63
N UNK F 4 -7.36 -4.26 20.84
CA UNK F 4 -7.03 -2.92 20.40
C UNK F 4 -8.18 -2.04 20.87
N UNK F 5 -7.93 -1.33 21.96
CA UNK F 5 -8.85 -0.35 22.48
C UNK F 5 -9.45 0.59 21.39
N UNK F 6 -10.78 0.75 21.46
CA UNK F 6 -11.61 1.49 20.49
C UNK F 6 -11.15 1.28 18.99
N UNK F 7 -10.84 0.03 18.66
CA UNK F 7 -9.96 -0.35 17.54
C UNK F 7 -9.86 0.63 16.37
#